data_3O94
#
_entry.id   3O94
#
_cell.length_a   61.171
_cell.length_b   120.752
_cell.length_c   62.838
_cell.angle_alpha   90.00
_cell.angle_beta   114.68
_cell.angle_gamma   90.00
#
_symmetry.space_group_name_H-M   'P 1 21 1'
#
loop_
_entity.id
_entity.type
_entity.pdbx_description
1 polymer nicotinamidase
2 non-polymer NICOTINAMIDE
3 non-polymer 'ZINC ION'
4 water water
#
_entity_poly.entity_id   1
_entity_poly.type   'polypeptide(L)'
_entity_poly.pdbx_seq_one_letter_code
;MGSSHHHHHHSSGLVPRGSHMTKALISIDYTEDFVADSGKLTAGAPAQAISDAISKVTRLAFERGDYIFFTIDAHEENDC
FHPESKLFPPHNLIGTSGRNLYGDLGIFYQEHGSDSRVFWMDKRHYSAFSGTDLDIRLRERRVSTVILTGVLTDISVLHT
AIDAYNLGYDIEIVKPAVASIWPENHQFALGHFKNTLGAKLVDENLNELFE
;
_entity_poly.pdbx_strand_id   A,B,C,D
#
loop_
_chem_comp.id
_chem_comp.type
_chem_comp.name
_chem_comp.formula
NCA non-polymer NICOTINAMIDE 'C6 H6 N2 O'
ZN non-polymer 'ZINC ION' 'Zn 2'
#
# COMPACT_ATOMS: atom_id res chain seq x y z
N MET A 21 20.25 -14.32 4.37
CA MET A 21 20.99 -13.63 5.46
C MET A 21 20.16 -13.61 6.75
N THR A 22 20.07 -12.44 7.39
CA THR A 22 19.25 -12.29 8.59
C THR A 22 17.77 -12.29 8.19
N LYS A 23 17.04 -13.25 8.74
CA LYS A 23 15.62 -13.42 8.44
C LYS A 23 14.79 -12.85 9.58
N ALA A 24 13.48 -12.85 9.41
CA ALA A 24 12.57 -12.43 10.47
C ALA A 24 11.53 -13.51 10.70
N LEU A 25 11.40 -13.95 11.95
CA LEU A 25 10.35 -14.88 12.33
C LEU A 25 9.15 -14.09 12.81
N ILE A 26 7.99 -14.42 12.24
CA ILE A 26 6.73 -13.77 12.61
C ILE A 26 5.92 -14.74 13.47
N SER A 27 5.57 -14.27 14.66
CA SER A 27 4.79 -15.05 15.63
C SER A 27 3.36 -14.52 15.66
N ILE A 28 2.45 -15.29 15.07
CA ILE A 28 1.10 -14.79 14.78
C ILE A 28 0.03 -15.33 15.73
N ASP A 29 -0.50 -14.43 16.57
CA ASP A 29 -1.69 -14.69 17.40
C ASP A 29 -1.65 -15.90 18.32
N TYR A 30 -0.46 -16.30 18.77
CA TYR A 30 -0.36 -17.46 19.66
C TYR A 30 -0.61 -17.05 21.11
N THR A 31 -1.86 -16.66 21.39
CA THR A 31 -2.24 -16.12 22.69
C THR A 31 -3.30 -16.98 23.38
N GLU A 32 -3.55 -16.65 24.66
CA GLU A 32 -4.52 -17.38 25.49
CA GLU A 32 -4.51 -17.41 25.47
C GLU A 32 -5.87 -17.58 24.80
N ASP A 33 -6.39 -16.50 24.21
CA ASP A 33 -7.71 -16.55 23.56
C ASP A 33 -7.80 -17.48 22.35
N PHE A 34 -6.66 -17.77 21.72
CA PHE A 34 -6.63 -18.67 20.55
C PHE A 34 -6.18 -20.08 20.87
N VAL A 35 -5.55 -20.27 22.04
CA VAL A 35 -4.90 -21.54 22.36
C VAL A 35 -5.47 -22.25 23.59
N ALA A 36 -5.61 -21.53 24.70
CA ALA A 36 -6.05 -22.10 25.98
C ALA A 36 -7.46 -22.70 25.90
N ASP A 37 -7.72 -23.69 26.75
CA ASP A 37 -9.04 -24.33 26.82
C ASP A 37 -10.17 -23.31 27.04
N SER A 38 -9.91 -22.31 27.87
CA SER A 38 -10.89 -21.29 28.21
C SER A 38 -10.83 -20.06 27.29
N GLY A 39 -10.02 -20.14 26.23
CA GLY A 39 -9.86 -19.04 25.28
C GLY A 39 -11.13 -18.68 24.54
N LYS A 40 -11.37 -17.37 24.38
CA LYS A 40 -12.60 -16.85 23.79
C LYS A 40 -12.83 -17.26 22.33
N LEU A 41 -11.74 -17.47 21.59
CA LEU A 41 -11.82 -17.94 20.21
C LEU A 41 -10.80 -19.06 20.01
N THR A 42 -10.78 -19.99 20.96
CA THR A 42 -9.74 -21.01 21.01
C THR A 42 -9.82 -22.04 19.87
N ALA A 43 -8.65 -22.38 19.33
CA ALA A 43 -8.52 -23.46 18.36
C ALA A 43 -8.34 -24.79 19.08
N GLY A 44 -8.19 -24.72 20.41
CA GLY A 44 -8.18 -25.90 21.27
C GLY A 44 -6.95 -26.78 21.14
N ALA A 45 -7.20 -28.09 21.11
CA ALA A 45 -6.13 -29.10 21.12
C ALA A 45 -5.09 -28.99 20.00
N PRO A 46 -5.52 -28.78 18.72
CA PRO A 46 -4.51 -28.63 17.67
C PRO A 46 -3.57 -27.45 17.90
N ALA A 47 -4.09 -26.36 18.45
CA ALA A 47 -3.28 -25.19 18.77
C ALA A 47 -2.35 -25.46 19.95
N GLN A 48 -2.84 -26.17 20.95
CA GLN A 48 -2.05 -26.54 22.12
C GLN A 48 -0.93 -27.51 21.77
N ALA A 49 -1.17 -28.35 20.76
CA ALA A 49 -0.22 -29.36 20.32
C ALA A 49 1.07 -28.80 19.71
N ILE A 50 1.02 -27.56 19.23
CA ILE A 50 2.20 -26.93 18.62
C ILE A 50 3.03 -26.11 19.60
N SER A 51 2.61 -26.06 20.87
CA SER A 51 3.26 -25.23 21.89
C SER A 51 4.76 -25.46 22.01
N ASP A 52 5.17 -26.73 22.05
CA ASP A 52 6.59 -27.09 22.16
C ASP A 52 7.38 -26.66 20.92
N ALA A 53 6.84 -26.94 19.74
CA ALA A 53 7.51 -26.63 18.48
C ALA A 53 7.62 -25.13 18.22
N ILE A 54 6.55 -24.39 18.49
CA ILE A 54 6.54 -22.94 18.26
C ILE A 54 7.51 -22.21 19.20
N SER A 55 7.60 -22.66 20.45
CA SER A 55 8.54 -22.07 21.40
C SER A 55 9.98 -22.44 21.06
N LYS A 56 10.20 -23.68 20.64
CA LYS A 56 11.54 -24.15 20.26
C LYS A 56 12.08 -23.43 19.04
N VAL A 57 11.26 -23.29 17.99
CA VAL A 57 11.69 -22.68 16.74
C VAL A 57 11.94 -21.17 16.89
N THR A 58 11.16 -20.52 17.76
CA THR A 58 11.33 -19.10 18.03
C THR A 58 12.63 -18.84 18.80
N ARG A 59 12.91 -19.69 19.79
CA ARG A 59 14.17 -19.61 20.54
C ARG A 59 15.36 -19.89 19.63
N LEU A 60 15.20 -20.84 18.70
CA LEU A 60 16.24 -21.16 17.72
C LEU A 60 16.51 -19.99 16.77
N ALA A 61 15.45 -19.43 16.19
CA ALA A 61 15.57 -18.29 15.29
C ALA A 61 16.28 -17.12 15.98
N PHE A 62 15.89 -16.85 17.23
CA PHE A 62 16.52 -15.80 18.02
C PHE A 62 18.01 -16.06 18.28
N GLU A 63 18.33 -17.32 18.55
CA GLU A 63 19.73 -17.74 18.78
C GLU A 63 20.58 -17.56 17.52
N ARG A 64 19.95 -17.75 16.35
CA ARG A 64 20.60 -17.60 15.06
C ARG A 64 20.74 -16.15 14.59
N GLY A 65 20.25 -15.22 15.41
CA GLY A 65 20.37 -13.79 15.10
C GLY A 65 19.21 -13.18 14.32
N ASP A 66 18.15 -13.97 14.12
CA ASP A 66 16.97 -13.49 13.40
C ASP A 66 16.19 -12.45 14.21
N TYR A 67 15.43 -11.61 13.50
CA TYR A 67 14.47 -10.73 14.15
C TYR A 67 13.21 -11.52 14.48
N ILE A 68 12.57 -11.14 15.58
CA ILE A 68 11.34 -11.81 16.01
C ILE A 68 10.23 -10.77 16.13
N PHE A 69 9.15 -10.97 15.39
CA PHE A 69 8.00 -10.07 15.43
C PHE A 69 6.76 -10.77 15.95
N PHE A 70 6.32 -10.40 17.14
CA PHE A 70 5.05 -10.87 17.68
C PHE A 70 3.94 -9.96 17.15
N THR A 71 3.11 -10.50 16.28
CA THR A 71 2.04 -9.74 15.63
C THR A 71 0.71 -10.25 16.15
N ILE A 72 0.10 -9.46 17.03
CA ILE A 72 -0.97 -9.94 17.91
C ILE A 72 -2.26 -9.12 17.77
N ASP A 73 -3.37 -9.82 17.54
CA ASP A 73 -4.70 -9.21 17.53
C ASP A 73 -4.90 -8.30 18.73
N ALA A 74 -5.36 -7.08 18.46
CA ALA A 74 -5.68 -6.10 19.50
C ALA A 74 -7.06 -5.53 19.22
N HIS A 75 -8.07 -6.19 19.76
CA HIS A 75 -9.45 -5.83 19.50
C HIS A 75 -10.09 -5.06 20.65
N GLU A 76 -11.18 -4.36 20.33
CA GLU A 76 -11.97 -3.67 21.34
C GLU A 76 -13.42 -4.13 21.22
N GLU A 77 -14.06 -4.32 22.36
CA GLU A 77 -15.48 -4.68 22.40
C GLU A 77 -16.30 -3.46 22.00
N ASN A 78 -17.42 -3.71 21.30
CA ASN A 78 -18.28 -2.65 20.74
C ASN A 78 -17.60 -1.80 19.66
N ASP A 79 -16.72 -2.44 18.89
CA ASP A 79 -16.11 -1.82 17.72
C ASP A 79 -16.99 -2.12 16.51
N CYS A 80 -18.11 -1.39 16.41
CA CYS A 80 -19.11 -1.61 15.37
C CYS A 80 -18.63 -1.26 13.97
N PHE A 81 -17.53 -0.51 13.89
CA PHE A 81 -16.95 -0.13 12.61
C PHE A 81 -16.02 -1.20 12.02
N HIS A 82 -15.69 -2.22 12.82
CA HIS A 82 -14.87 -3.33 12.34
C HIS A 82 -15.77 -4.46 11.85
N PRO A 83 -15.64 -4.82 10.55
CA PRO A 83 -16.44 -5.92 9.98
C PRO A 83 -16.23 -7.27 10.67
N GLU A 84 -15.05 -7.47 11.25
CA GLU A 84 -14.73 -8.72 11.97
C GLU A 84 -15.60 -8.93 13.21
N SER A 85 -16.13 -7.83 13.77
CA SER A 85 -16.97 -7.89 14.97
C SER A 85 -18.22 -8.75 14.78
N LYS A 86 -18.75 -8.78 13.55
CA LYS A 86 -19.95 -9.54 13.24
C LYS A 86 -19.65 -10.99 12.84
N LEU A 87 -18.37 -11.31 12.68
CA LEU A 87 -17.93 -12.61 12.20
C LEU A 87 -17.47 -13.56 13.31
N PHE A 88 -16.91 -12.99 14.37
CA PHE A 88 -16.37 -13.77 15.49
C PHE A 88 -16.74 -13.13 16.83
N PRO A 89 -16.84 -13.95 17.89
CA PRO A 89 -17.06 -13.42 19.25
C PRO A 89 -15.86 -12.58 19.72
N PRO A 90 -16.07 -11.69 20.72
CA PRO A 90 -14.98 -10.88 21.26
C PRO A 90 -13.77 -11.75 21.66
N HIS A 91 -12.58 -11.32 21.22
CA HIS A 91 -11.35 -12.06 21.48
C HIS A 91 -10.14 -11.13 21.42
N ASN A 92 -9.07 -11.50 22.12
CA ASN A 92 -7.85 -10.68 22.20
C ASN A 92 -8.15 -9.22 22.49
N LEU A 93 -9.00 -8.98 23.48
CA LEU A 93 -9.40 -7.63 23.85
C LEU A 93 -8.26 -6.91 24.55
N ILE A 94 -8.04 -5.66 24.16
CA ILE A 94 -6.96 -4.84 24.72
C ILE A 94 -7.09 -4.76 26.24
N GLY A 95 -5.98 -5.03 26.94
CA GLY A 95 -5.93 -4.96 28.39
C GLY A 95 -6.43 -6.20 29.11
N THR A 96 -6.67 -7.28 28.38
CA THR A 96 -7.15 -8.53 28.97
C THR A 96 -6.11 -9.65 28.85
N SER A 97 -6.25 -10.67 29.70
CA SER A 97 -5.36 -11.82 29.75
C SER A 97 -5.39 -12.66 28.47
N GLY A 98 -6.44 -12.49 27.67
CA GLY A 98 -6.58 -13.19 26.40
C GLY A 98 -5.49 -12.89 25.40
N ARG A 99 -4.83 -11.74 25.57
CA ARG A 99 -3.74 -11.32 24.68
C ARG A 99 -2.37 -11.83 25.14
N ASN A 100 -2.32 -12.48 26.29
CA ASN A 100 -1.08 -13.07 26.81
C ASN A 100 -0.62 -14.22 25.93
N LEU A 101 0.67 -14.24 25.61
CA LEU A 101 1.25 -15.32 24.81
C LEU A 101 1.18 -16.65 25.59
N TYR A 102 0.84 -17.72 24.88
CA TYR A 102 0.62 -19.03 25.48
C TYR A 102 1.92 -19.83 25.63
N GLY A 103 2.08 -20.47 26.78
CA GLY A 103 3.16 -21.41 27.03
C GLY A 103 4.55 -20.80 27.13
N ASP A 104 5.56 -21.59 26.77
CA ASP A 104 6.96 -21.17 26.84
C ASP A 104 7.28 -19.97 25.93
N LEU A 105 6.48 -19.79 24.88
CA LEU A 105 6.60 -18.64 24.01
C LEU A 105 6.42 -17.32 24.79
N GLY A 106 5.49 -17.35 25.75
CA GLY A 106 5.27 -16.22 26.66
C GLY A 106 6.46 -15.97 27.57
N ILE A 107 7.08 -17.06 28.03
CA ILE A 107 8.28 -16.98 28.86
C ILE A 107 9.43 -16.39 28.06
N PHE A 108 9.57 -16.81 26.80
CA PHE A 108 10.57 -16.24 25.90
C PHE A 108 10.42 -14.72 25.78
N TYR A 109 9.19 -14.26 25.62
CA TYR A 109 8.94 -12.82 25.48
C TYR A 109 9.26 -12.06 26.76
N GLN A 110 8.95 -12.65 27.91
CA GLN A 110 9.31 -12.08 29.21
C GLN A 110 10.82 -11.90 29.32
N GLU A 111 11.57 -12.88 28.80
CA GLU A 111 13.04 -12.88 28.85
C GLU A 111 13.67 -11.91 27.86
N HIS A 112 13.15 -11.88 26.63
CA HIS A 112 13.85 -11.22 25.52
C HIS A 112 13.09 -10.09 24.82
N GLY A 113 11.92 -9.74 25.34
CA GLY A 113 11.10 -8.68 24.75
C GLY A 113 11.78 -7.32 24.64
N SER A 114 12.74 -7.07 25.51
CA SER A 114 13.48 -5.80 25.54
C SER A 114 14.68 -5.77 24.58
N ASP A 115 15.00 -6.92 24.00
CA ASP A 115 16.08 -7.02 23.01
C ASP A 115 15.69 -6.26 21.75
N SER A 116 16.66 -5.57 21.15
CA SER A 116 16.41 -4.72 19.98
C SER A 116 15.89 -5.49 18.76
N ARG A 117 16.10 -6.80 18.75
CA ARG A 117 15.68 -7.66 17.65
C ARG A 117 14.30 -8.28 17.85
N VAL A 118 13.67 -8.00 18.99
CA VAL A 118 12.35 -8.56 19.31
C VAL A 118 11.29 -7.44 19.35
N PHE A 119 10.19 -7.66 18.65
CA PHE A 119 9.14 -6.65 18.50
C PHE A 119 7.77 -7.17 18.90
N TRP A 120 6.96 -6.28 19.47
CA TRP A 120 5.55 -6.54 19.68
C TRP A 120 4.74 -5.56 18.84
N MET A 121 3.85 -6.10 18.02
CA MET A 121 3.00 -5.28 17.16
CA MET A 121 3.01 -5.30 17.13
C MET A 121 1.53 -5.64 17.31
N ASP A 122 0.72 -4.63 17.61
CA ASP A 122 -0.72 -4.80 17.68
C ASP A 122 -1.29 -4.72 16.27
N LYS A 123 -2.24 -5.60 15.98
CA LYS A 123 -2.91 -5.60 14.67
C LYS A 123 -4.42 -5.72 14.83
N ARG A 124 -5.17 -5.24 13.85
CA ARG A 124 -6.63 -5.29 13.88
C ARG A 124 -7.23 -6.23 12.84
N HIS A 125 -6.54 -6.39 11.71
CA HIS A 125 -6.95 -7.38 10.71
C HIS A 125 -6.22 -8.71 10.96
N TYR A 126 -6.54 -9.71 10.15
CA TYR A 126 -5.92 -11.02 10.26
C TYR A 126 -4.44 -10.96 9.88
N SER A 127 -4.16 -10.33 8.74
CA SER A 127 -2.78 -10.18 8.27
C SER A 127 -1.93 -9.32 9.19
N ALA A 128 -0.71 -9.78 9.44
CA ALA A 128 0.26 -9.06 10.25
C ALA A 128 0.73 -7.75 9.61
N PHE A 129 0.50 -7.61 8.30
CA PHE A 129 0.94 -6.44 7.53
C PHE A 129 -0.09 -5.32 7.46
N SER A 130 -1.37 -5.67 7.59
CA SER A 130 -2.47 -4.73 7.34
C SER A 130 -2.61 -3.69 8.44
N GLY A 131 -2.34 -2.44 8.08
CA GLY A 131 -2.42 -1.32 9.01
C GLY A 131 -1.35 -1.28 10.08
N THR A 132 -0.29 -2.07 9.88
CA THR A 132 0.85 -2.08 10.79
C THR A 132 2.09 -1.52 10.08
N ASP A 133 3.20 -1.46 10.80
CA ASP A 133 4.46 -1.04 10.20
C ASP A 133 5.44 -2.20 9.99
N LEU A 134 4.90 -3.42 9.87
CA LEU A 134 5.74 -4.61 9.69
C LEU A 134 6.65 -4.50 8.46
N ASP A 135 6.07 -4.16 7.32
CA ASP A 135 6.83 -4.01 6.09
C ASP A 135 7.94 -2.97 6.24
N ILE A 136 7.61 -1.83 6.86
CA ILE A 136 8.60 -0.77 7.11
C ILE A 136 9.77 -1.27 7.96
N ARG A 137 9.47 -1.99 9.05
CA ARG A 137 10.51 -2.50 9.95
C ARG A 137 11.39 -3.53 9.25
N LEU A 138 10.78 -4.38 8.43
CA LEU A 138 11.53 -5.39 7.69
C LEU A 138 12.46 -4.75 6.65
N ARG A 139 11.95 -3.75 5.94
CA ARG A 139 12.74 -3.08 4.90
CA ARG A 139 12.72 -3.05 4.90
C ARG A 139 13.87 -2.23 5.49
N GLU A 140 13.66 -1.68 6.69
CA GLU A 140 14.74 -0.98 7.40
C GLU A 140 15.94 -1.90 7.59
N ARG A 141 15.64 -3.17 7.84
CA ARG A 141 16.64 -4.19 8.13
C ARG A 141 17.07 -4.99 6.90
N ARG A 142 16.52 -4.62 5.74
CA ARG A 142 16.76 -5.30 4.46
C ARG A 142 16.50 -6.81 4.53
N VAL A 143 15.47 -7.18 5.30
CA VAL A 143 15.04 -8.57 5.42
C VAL A 143 14.37 -9.01 4.12
N SER A 144 14.78 -10.16 3.60
CA SER A 144 14.19 -10.69 2.37
C SER A 144 13.38 -11.96 2.59
N THR A 145 13.51 -12.57 3.76
CA THR A 145 12.79 -13.80 4.08
C THR A 145 12.04 -13.71 5.41
N VAL A 146 10.74 -14.01 5.37
CA VAL A 146 9.94 -14.13 6.59
C VAL A 146 9.66 -15.60 6.92
N ILE A 147 9.69 -15.92 8.21
CA ILE A 147 9.41 -17.27 8.70
C ILE A 147 8.14 -17.21 9.52
N LEU A 148 7.09 -17.90 9.07
CA LEU A 148 5.78 -17.77 9.69
C LEU A 148 5.44 -18.89 10.67
N THR A 149 4.94 -18.48 11.84
CA THR A 149 4.45 -19.39 12.87
C THR A 149 3.15 -18.84 13.45
N GLY A 150 2.36 -19.72 14.06
CA GLY A 150 1.17 -19.28 14.81
C GLY A 150 -0.15 -19.83 14.32
N VAL A 151 -1.22 -19.12 14.66
CA VAL A 151 -2.60 -19.58 14.39
C VAL A 151 -3.46 -18.41 13.90
N LEU A 152 -4.51 -18.67 13.12
CA LEU A 152 -4.82 -19.97 12.54
C LEU A 152 -4.20 -20.07 11.16
N THR A 153 -3.84 -21.30 10.76
CA THR A 153 -3.15 -21.53 9.48
C THR A 153 -3.89 -20.91 8.29
N ASP A 154 -5.22 -21.03 8.29
CA ASP A 154 -6.05 -20.62 7.16
C ASP A 154 -6.64 -19.22 7.30
N ILE A 155 -6.31 -18.51 8.38
CA ILE A 155 -6.81 -17.15 8.58
C ILE A 155 -5.65 -16.15 8.75
N SER A 156 -5.20 -15.91 9.98
CA SER A 156 -4.14 -14.93 10.22
C SER A 156 -2.82 -15.30 9.55
N VAL A 157 -2.49 -16.59 9.57
CA VAL A 157 -1.27 -17.07 8.93
C VAL A 157 -1.38 -16.96 7.41
N LEU A 158 -2.51 -17.42 6.85
CA LEU A 158 -2.75 -17.35 5.41
C LEU A 158 -2.73 -15.92 4.88
N HIS A 159 -3.42 -15.01 5.57
CA HIS A 159 -3.48 -13.61 5.17
C HIS A 159 -2.10 -12.94 5.22
N THR A 160 -1.34 -13.24 6.28
CA THR A 160 0.03 -12.75 6.42
C THR A 160 0.92 -13.27 5.30
N ALA A 161 0.78 -14.56 4.97
CA ALA A 161 1.57 -15.19 3.92
C ALA A 161 1.30 -14.58 2.54
N ILE A 162 0.02 -14.34 2.25
CA ILE A 162 -0.36 -13.75 0.97
C ILE A 162 0.15 -12.31 0.84
N ASP A 163 0.03 -11.53 1.91
CA ASP A 163 0.58 -10.18 1.95
C ASP A 163 2.10 -10.20 1.76
N ALA A 164 2.78 -11.12 2.44
CA ALA A 164 4.22 -11.28 2.30
C ALA A 164 4.61 -11.58 0.85
N TYR A 165 3.86 -12.47 0.21
CA TYR A 165 4.10 -12.82 -1.20
C TYR A 165 3.97 -11.60 -2.11
N ASN A 166 2.88 -10.84 -1.95
CA ASN A 166 2.66 -9.66 -2.79
C ASN A 166 3.69 -8.56 -2.53
N LEU A 167 4.24 -8.55 -1.31
CA LEU A 167 5.31 -7.62 -0.94
C LEU A 167 6.71 -8.14 -1.28
N GLY A 168 6.78 -9.26 -1.98
CA GLY A 168 8.04 -9.76 -2.53
C GLY A 168 8.98 -10.48 -1.59
N TYR A 169 8.48 -10.88 -0.42
CA TYR A 169 9.28 -11.65 0.53
C TYR A 169 9.35 -13.11 0.15
N ASP A 170 10.52 -13.70 0.34
CA ASP A 170 10.64 -15.15 0.35
C ASP A 170 9.98 -15.62 1.64
N ILE A 171 9.30 -16.77 1.58
CA ILE A 171 8.50 -17.24 2.70
C ILE A 171 8.91 -18.62 3.15
N GLU A 172 9.06 -18.78 4.47
CA GLU A 172 9.20 -20.09 5.09
C GLU A 172 8.04 -20.30 6.05
N ILE A 173 7.45 -21.49 6.02
CA ILE A 173 6.37 -21.85 6.93
C ILE A 173 6.87 -22.95 7.86
N VAL A 174 6.82 -22.71 9.16
CA VAL A 174 7.17 -23.76 10.11
C VAL A 174 5.95 -24.66 10.30
N LYS A 175 5.92 -25.75 9.54
CA LYS A 175 4.77 -26.66 9.49
C LYS A 175 4.31 -27.16 10.88
N PRO A 176 5.25 -27.63 11.72
CA PRO A 176 4.81 -28.08 13.05
C PRO A 176 4.52 -26.94 14.03
N ALA A 177 4.69 -25.68 13.59
CA ALA A 177 4.42 -24.51 14.43
C ALA A 177 3.32 -23.61 13.88
N VAL A 178 2.45 -24.20 13.05
CA VAL A 178 1.19 -23.57 12.64
C VAL A 178 0.04 -24.55 12.89
N ALA A 179 -1.14 -24.01 13.21
CA ALA A 179 -2.30 -24.86 13.53
C ALA A 179 -3.61 -24.16 13.22
N SER A 180 -4.62 -24.97 12.89
CA SER A 180 -5.99 -24.50 12.72
C SER A 180 -6.93 -25.41 13.50
N ILE A 181 -8.15 -24.94 13.72
CA ILE A 181 -9.19 -25.78 14.33
C ILE A 181 -9.73 -26.79 13.31
N TRP A 182 -9.69 -26.42 12.03
CA TRP A 182 -10.16 -27.27 10.95
C TRP A 182 -8.99 -27.93 10.20
N PRO A 183 -8.91 -29.28 10.23
CA PRO A 183 -7.83 -30.02 9.59
C PRO A 183 -7.75 -29.84 8.08
N GLU A 184 -8.92 -29.80 7.43
CA GLU A 184 -9.02 -29.62 5.98
CA GLU A 184 -8.99 -29.63 5.98
C GLU A 184 -8.55 -28.23 5.55
N ASN A 185 -8.80 -27.24 6.42
CA ASN A 185 -8.38 -25.86 6.17
C ASN A 185 -6.87 -25.69 6.35
N HIS A 186 -6.33 -26.33 7.39
CA HIS A 186 -4.89 -26.39 7.63
C HIS A 186 -4.18 -27.01 6.43
N GLN A 187 -4.75 -28.10 5.91
CA GLN A 187 -4.21 -28.78 4.74
C GLN A 187 -4.27 -27.93 3.48
N PHE A 188 -5.39 -27.24 3.26
CA PHE A 188 -5.50 -26.33 2.14
C PHE A 188 -4.39 -25.29 2.19
N ALA A 189 -4.25 -24.66 3.35
CA ALA A 189 -3.31 -23.56 3.54
C ALA A 189 -1.86 -23.98 3.27
N LEU A 190 -1.47 -25.13 3.80
CA LEU A 190 -0.11 -25.65 3.58
C LEU A 190 0.16 -25.88 2.10
N GLY A 191 -0.82 -26.46 1.39
CA GLY A 191 -0.73 -26.64 -0.05
C GLY A 191 -0.64 -25.32 -0.78
N HIS A 192 -1.44 -24.35 -0.34
CA HIS A 192 -1.44 -23.02 -0.93
C HIS A 192 -0.09 -22.33 -0.76
N PHE A 193 0.47 -22.42 0.45
CA PHE A 193 1.79 -21.84 0.75
C PHE A 193 2.85 -22.39 -0.21
N LYS A 194 2.91 -23.71 -0.32
CA LYS A 194 3.92 -24.37 -1.14
C LYS A 194 3.71 -24.17 -2.65
N ASN A 195 2.49 -24.44 -3.12
CA ASN A 195 2.21 -24.49 -4.55
C ASN A 195 1.86 -23.16 -5.22
N THR A 196 1.28 -22.25 -4.46
CA THR A 196 0.85 -20.95 -5.01
C THR A 196 1.78 -19.81 -4.60
N LEU A 197 2.28 -19.85 -3.36
CA LEU A 197 3.15 -18.80 -2.86
C LEU A 197 4.63 -19.12 -3.01
N GLY A 198 4.93 -20.39 -3.31
CA GLY A 198 6.32 -20.84 -3.47
C GLY A 198 7.09 -20.87 -2.17
N ALA A 199 6.38 -21.01 -1.06
CA ALA A 199 6.99 -21.03 0.27
C ALA A 199 7.72 -22.34 0.54
N LYS A 200 8.77 -22.25 1.34
CA LYS A 200 9.50 -23.41 1.82
C LYS A 200 8.87 -23.88 3.12
N LEU A 201 8.44 -25.14 3.17
CA LEU A 201 7.94 -25.72 4.40
C LEU A 201 9.12 -26.24 5.22
N VAL A 202 9.21 -25.81 6.46
CA VAL A 202 10.33 -26.18 7.34
C VAL A 202 9.86 -26.76 8.69
N ASP A 203 10.74 -27.50 9.34
CA ASP A 203 10.45 -28.04 10.67
C ASP A 203 10.89 -27.10 11.79
N GLU A 204 10.78 -27.56 13.03
CA GLU A 204 11.14 -26.75 14.20
C GLU A 204 12.66 -26.54 14.35
N ASN A 205 13.44 -27.27 13.57
CA ASN A 205 14.89 -27.07 13.49
C ASN A 205 15.27 -26.16 12.32
N LEU A 206 14.24 -25.59 11.68
CA LEU A 206 14.39 -24.74 10.49
C LEU A 206 15.01 -25.45 9.28
N ASN A 207 14.80 -26.77 9.21
CA ASN A 207 15.23 -27.57 8.06
C ASN A 207 14.05 -27.84 7.14
N GLU A 208 14.28 -27.73 5.83
CA GLU A 208 13.22 -27.93 4.83
C GLU A 208 12.64 -29.34 4.89
N LEU A 209 11.32 -29.43 4.83
CA LEU A 209 10.63 -30.72 4.87
C LEU A 209 10.43 -31.29 3.48
N MET B 21 -21.13 12.85 4.80
CA MET B 21 -20.74 14.26 5.14
C MET B 21 -19.88 14.35 6.39
N THR B 22 -19.79 13.24 7.14
CA THR B 22 -18.94 13.16 8.31
C THR B 22 -17.48 13.08 7.87
N LYS B 23 -16.70 14.07 8.29
CA LYS B 23 -15.31 14.19 7.89
C LYS B 23 -14.37 13.77 9.01
N ALA B 24 -13.08 13.76 8.73
CA ALA B 24 -12.08 13.46 9.75
C ALA B 24 -11.03 14.57 9.79
N LEU B 25 -10.83 15.12 10.98
CA LEU B 25 -9.76 16.09 11.19
C LEU B 25 -8.52 15.37 11.69
N ILE B 26 -7.40 15.61 11.01
CA ILE B 26 -6.12 15.03 11.38
C ILE B 26 -5.28 16.08 12.07
N SER B 27 -4.83 15.76 13.27
CA SER B 27 -4.04 16.66 14.10
C SER B 27 -2.60 16.16 14.14
N ILE B 28 -1.74 16.82 13.37
CA ILE B 28 -0.41 16.29 13.08
C ILE B 28 0.69 16.93 13.91
N ASP B 29 1.30 16.12 14.79
CA ASP B 29 2.52 16.48 15.51
C ASP B 29 2.51 17.81 16.29
N TYR B 30 1.35 18.23 16.78
CA TYR B 30 1.29 19.49 17.52
C TYR B 30 1.67 19.30 18.99
N THR B 31 2.93 18.95 19.21
CA THR B 31 3.42 18.56 20.53
C THR B 31 4.56 19.44 21.02
N GLU B 32 4.89 19.30 22.30
CA GLU B 32 5.95 20.08 22.95
C GLU B 32 7.24 20.18 22.12
N ASP B 33 7.72 19.04 21.63
CA ASP B 33 9.00 19.03 20.91
C ASP B 33 9.00 19.82 19.60
N PHE B 34 7.81 20.01 19.01
CA PHE B 34 7.69 20.76 17.75
C PHE B 34 7.22 22.21 17.94
N VAL B 35 6.67 22.51 19.11
CA VAL B 35 6.00 23.80 19.33
C VAL B 35 6.61 24.67 20.43
N ALA B 36 6.86 24.06 21.60
CA ALA B 36 7.35 24.80 22.77
C ALA B 36 8.72 25.43 22.55
N ASP B 37 8.97 26.55 23.21
CA ASP B 37 10.25 27.25 23.11
CA ASP B 37 10.25 27.25 23.12
C ASP B 37 11.44 26.33 23.37
N SER B 38 11.29 25.44 24.35
CA SER B 38 12.35 24.50 24.72
C SER B 38 12.22 23.13 24.06
N GLY B 39 11.34 23.03 23.07
CA GLY B 39 11.13 21.78 22.33
C GLY B 39 12.38 21.33 21.60
N LYS B 40 12.62 20.02 21.58
CA LYS B 40 13.85 19.45 21.00
C LYS B 40 14.00 19.68 19.51
N LEU B 41 12.88 19.81 18.80
CA LEU B 41 12.89 20.09 17.36
C LEU B 41 11.84 21.16 17.06
N THR B 42 11.89 22.23 17.84
CA THR B 42 10.82 23.23 17.83
C THR B 42 10.81 24.11 16.58
N ALA B 43 9.60 24.33 16.07
CA ALA B 43 9.39 25.26 14.96
C ALA B 43 9.24 26.68 15.49
N GLY B 44 9.23 26.81 16.82
CA GLY B 44 9.27 28.12 17.48
C GLY B 44 8.01 28.95 17.35
N ALA B 45 8.21 30.27 17.23
CA ALA B 45 7.11 31.23 17.23
C ALA B 45 5.97 30.98 16.23
N PRO B 46 6.28 30.63 14.95
CA PRO B 46 5.19 30.37 14.02
C PRO B 46 4.28 29.20 14.44
N ALA B 47 4.86 28.18 15.05
CA ALA B 47 4.09 27.04 15.56
C ALA B 47 3.27 27.43 16.78
N GLN B 48 3.87 28.20 17.69
CA GLN B 48 3.17 28.71 18.86
C GLN B 48 1.99 29.61 18.46
N ALA B 49 2.17 30.37 17.38
CA ALA B 49 1.18 31.32 16.91
C ALA B 49 -0.15 30.70 16.46
N ILE B 50 -0.12 29.42 16.09
CA ILE B 50 -1.34 28.75 15.62
C ILE B 50 -2.12 28.03 16.74
N SER B 51 -1.61 28.11 17.96
CA SER B 51 -2.21 27.39 19.10
C SER B 51 -3.70 27.65 19.30
N ASP B 52 -4.08 28.92 19.23
CA ASP B 52 -5.49 29.31 19.37
C ASP B 52 -6.36 28.75 18.24
N ALA B 53 -5.88 28.89 17.00
CA ALA B 53 -6.62 28.44 15.82
C ALA B 53 -6.75 26.91 15.74
N ILE B 54 -5.67 26.21 16.04
CA ILE B 54 -5.68 24.74 15.94
C ILE B 54 -6.58 24.10 17.00
N SER B 55 -6.55 24.64 18.21
CA SER B 55 -7.44 24.16 19.27
C SER B 55 -8.90 24.50 18.97
N LYS B 56 -9.14 25.71 18.48
CA LYS B 56 -10.49 26.17 18.13
C LYS B 56 -11.13 25.31 17.03
N VAL B 57 -10.38 25.07 15.95
CA VAL B 57 -10.90 24.31 14.81
C VAL B 57 -11.12 22.83 15.16
N THR B 58 -10.30 22.30 16.06
CA THR B 58 -10.43 20.91 16.50
C THR B 58 -11.68 20.74 17.36
N ARG B 59 -11.90 21.67 18.28
CA ARG B 59 -13.11 21.67 19.11
C ARG B 59 -14.37 21.85 18.26
N LEU B 60 -14.26 22.65 17.20
CA LEU B 60 -15.37 22.86 16.27
C LEU B 60 -15.70 21.60 15.47
N ALA B 61 -14.68 20.95 14.93
CA ALA B 61 -14.84 19.70 14.19
C ALA B 61 -15.47 18.62 15.06
N PHE B 62 -15.01 18.50 16.30
CA PHE B 62 -15.55 17.56 17.27
C PHE B 62 -17.03 17.84 17.57
N GLU B 63 -17.36 19.11 17.75
CA GLU B 63 -18.74 19.53 18.00
C GLU B 63 -19.67 19.21 16.82
N ARG B 64 -19.13 19.30 15.61
CA ARG B 64 -19.87 19.03 14.38
C ARG B 64 -20.03 17.52 14.09
N GLY B 65 -19.44 16.69 14.95
CA GLY B 65 -19.56 15.24 14.82
C GLY B 65 -18.46 14.57 14.00
N ASP B 66 -17.43 15.32 13.64
CA ASP B 66 -16.29 14.78 12.88
C ASP B 66 -15.45 13.84 13.74
N TYR B 67 -14.71 12.97 13.08
CA TYR B 67 -13.70 12.15 13.74
C TYR B 67 -12.42 12.97 13.91
N ILE B 68 -11.71 12.74 15.02
CA ILE B 68 -10.47 13.44 15.30
C ILE B 68 -9.34 12.43 15.46
N PHE B 69 -8.32 12.56 14.62
CA PHE B 69 -7.18 11.66 14.66
C PHE B 69 -5.91 12.43 15.02
N PHE B 70 -5.40 12.18 16.22
CA PHE B 70 -4.09 12.69 16.63
C PHE B 70 -3.03 11.73 16.15
N THR B 71 -2.23 12.19 15.19
CA THR B 71 -1.20 11.36 14.56
C THR B 71 0.16 11.93 14.93
N ILE B 72 0.83 11.22 15.84
CA ILE B 72 1.94 11.80 16.60
C ILE B 72 3.23 10.98 16.49
N ASP B 73 4.31 11.65 16.09
CA ASP B 73 5.65 11.06 16.09
C ASP B 73 5.91 10.30 17.38
N ALA B 74 6.37 9.05 17.23
CA ALA B 74 6.76 8.22 18.36
C ALA B 74 8.13 7.61 18.05
N HIS B 75 9.18 8.31 18.47
CA HIS B 75 10.55 7.90 18.18
C HIS B 75 11.24 7.27 19.37
N GLU B 76 12.29 6.51 19.08
CA GLU B 76 13.14 5.92 20.12
C GLU B 76 14.57 6.37 19.93
N GLU B 77 15.25 6.65 21.04
CA GLU B 77 16.67 6.97 21.03
C GLU B 77 17.45 5.71 20.68
N ASN B 78 18.48 5.88 19.84
CA ASN B 78 19.29 4.75 19.40
C ASN B 78 18.55 3.81 18.44
N ASP B 79 17.59 4.35 17.69
CA ASP B 79 16.93 3.62 16.63
C ASP B 79 17.77 3.80 15.36
N CYS B 80 18.87 3.07 15.30
CA CYS B 80 19.85 3.19 14.22
C CYS B 80 19.32 2.69 12.88
N PHE B 81 18.23 1.93 12.90
CA PHE B 81 17.60 1.44 11.69
C PHE B 81 16.65 2.44 11.04
N HIS B 82 16.34 3.52 11.74
CA HIS B 82 15.48 4.57 11.19
C HIS B 82 16.33 5.65 10.51
N PRO B 83 16.14 5.84 9.19
CA PRO B 83 16.89 6.86 8.46
C PRO B 83 16.74 8.28 9.01
N GLU B 84 15.59 8.56 9.64
CA GLU B 84 15.32 9.87 10.22
C GLU B 84 16.28 10.22 11.37
N SER B 85 16.82 9.19 12.03
CA SER B 85 17.73 9.37 13.15
C SER B 85 18.97 10.18 12.81
N LYS B 86 19.43 10.09 11.56
CA LYS B 86 20.62 10.81 11.11
C LYS B 86 20.30 12.21 10.56
N LEU B 87 19.02 12.54 10.46
CA LEU B 87 18.58 13.79 9.84
C LEU B 87 18.17 14.87 10.83
N PHE B 88 17.64 14.45 11.98
CA PHE B 88 17.18 15.37 13.01
C PHE B 88 17.63 14.88 14.38
N PRO B 89 17.84 15.81 15.34
CA PRO B 89 18.13 15.42 16.72
C PRO B 89 16.96 14.64 17.33
N PRO B 90 17.21 13.87 18.41
CA PRO B 90 16.14 13.13 19.07
C PRO B 90 14.94 14.03 19.39
N HIS B 91 13.73 13.55 19.07
CA HIS B 91 12.50 14.31 19.31
C HIS B 91 11.31 13.37 19.43
N ASN B 92 10.28 13.83 20.13
CA ASN B 92 9.07 13.03 20.40
C ASN B 92 9.37 11.61 20.82
N LEU B 93 10.29 11.47 21.78
CA LEU B 93 10.70 10.18 22.28
C LEU B 93 9.59 9.56 23.13
N ILE B 94 9.33 8.28 22.90
CA ILE B 94 8.29 7.56 23.62
C ILE B 94 8.50 7.67 25.13
N GLY B 95 7.45 8.06 25.84
CA GLY B 95 7.47 8.19 27.29
C GLY B 95 8.01 9.51 27.82
N THR B 96 8.23 10.48 26.93
CA THR B 96 8.74 11.79 27.34
C THR B 96 7.71 12.90 27.14
N SER B 97 7.94 14.03 27.82
CA SER B 97 7.06 15.19 27.74
C SER B 97 7.01 15.80 26.35
N GLY B 98 8.03 15.52 25.54
CA GLY B 98 8.10 16.00 24.16
C GLY B 98 6.88 15.63 23.31
N ARG B 99 6.25 14.51 23.65
CA ARG B 99 5.08 14.01 22.92
C ARG B 99 3.75 14.58 23.40
N ASN B 100 3.80 15.43 24.43
CA ASN B 100 2.59 16.06 24.96
C ASN B 100 2.01 17.10 24.01
N LEU B 101 0.73 16.98 23.70
CA LEU B 101 0.03 17.97 22.88
C LEU B 101 0.11 19.36 23.51
N TYR B 102 0.41 20.36 22.69
CA TYR B 102 0.66 21.73 23.15
C TYR B 102 -0.62 22.56 23.21
N GLY B 103 -0.74 23.37 24.27
CA GLY B 103 -1.82 24.33 24.41
C GLY B 103 -3.17 23.69 24.69
N ASP B 104 -4.24 24.40 24.32
CA ASP B 104 -5.61 23.94 24.57
C ASP B 104 -5.94 22.61 23.88
N LEU B 105 -5.22 22.31 22.81
CA LEU B 105 -5.36 21.02 22.13
C LEU B 105 -5.08 19.85 23.10
N GLY B 106 -4.09 20.05 23.97
CA GLY B 106 -3.77 19.07 25.01
C GLY B 106 -4.87 18.94 26.05
N ILE B 107 -5.47 20.07 26.40
CA ILE B 107 -6.62 20.11 27.33
C ILE B 107 -7.82 19.40 26.71
N PHE B 108 -8.07 19.67 25.43
CA PHE B 108 -9.14 18.99 24.68
C PHE B 108 -8.96 17.47 24.73
N TYR B 109 -7.72 17.01 24.57
CA TYR B 109 -7.43 15.59 24.59
C TYR B 109 -7.70 14.96 25.96
N GLN B 110 -7.40 15.70 27.03
CA GLN B 110 -7.72 15.25 28.38
C GLN B 110 -9.23 15.16 28.58
N GLU B 111 -9.95 16.10 27.99
CA GLU B 111 -11.41 16.16 28.09
C GLU B 111 -12.12 15.09 27.26
N HIS B 112 -11.60 14.82 26.07
CA HIS B 112 -12.33 14.01 25.09
C HIS B 112 -11.55 12.87 24.41
N GLY B 113 -10.32 12.63 24.85
CA GLY B 113 -9.49 11.58 24.27
C GLY B 113 -10.12 10.20 24.33
N SER B 114 -10.93 9.97 25.36
CA SER B 114 -11.58 8.68 25.56
C SER B 114 -12.90 8.52 24.79
N ASP B 115 -13.29 9.56 24.04
CA ASP B 115 -14.46 9.51 23.17
C ASP B 115 -14.22 8.58 21.99
N SER B 116 -15.27 7.89 21.54
CA SER B 116 -15.16 6.92 20.44
C SER B 116 -14.74 7.53 19.10
N ARG B 117 -14.97 8.83 18.93
CA ARG B 117 -14.63 9.53 17.69
C ARG B 117 -13.23 10.15 17.72
N VAL B 118 -12.54 10.01 18.84
CA VAL B 118 -11.20 10.59 19.01
C VAL B 118 -10.15 9.48 19.09
N PHE B 119 -9.11 9.61 18.27
CA PHE B 119 -8.07 8.58 18.15
C PHE B 119 -6.69 9.14 18.41
N TRP B 120 -5.85 8.32 19.03
CA TRP B 120 -4.41 8.60 19.14
C TRP B 120 -3.66 7.52 18.37
N MET B 121 -2.82 7.96 17.44
CA MET B 121 -2.04 7.06 16.61
C MET B 121 -0.57 7.45 16.64
N ASP B 122 0.27 6.52 17.09
CA ASP B 122 1.72 6.68 17.02
C ASP B 122 2.18 6.47 15.58
N LYS B 123 3.11 7.30 15.13
CA LYS B 123 3.70 7.15 13.80
C LYS B 123 5.22 7.30 13.86
N ARG B 124 5.91 6.71 12.89
CA ARG B 124 7.37 6.76 12.84
C ARG B 124 7.90 7.55 11.65
N HIS B 125 7.12 7.63 10.59
CA HIS B 125 7.46 8.47 9.44
C HIS B 125 6.74 9.81 9.57
N TYR B 126 7.01 10.71 8.62
CA TYR B 126 6.38 12.02 8.63
C TYR B 126 4.88 11.93 8.35
N SER B 127 4.53 11.17 7.31
CA SER B 127 3.13 10.98 6.94
C SER B 127 2.34 10.22 7.99
N ALA B 128 1.14 10.72 8.26
CA ALA B 128 0.22 10.10 9.20
C ALA B 128 -0.27 8.73 8.73
N PHE B 129 -0.13 8.46 7.43
CA PHE B 129 -0.60 7.21 6.82
C PHE B 129 0.44 6.08 6.82
N SER B 130 1.72 6.45 6.87
CA SER B 130 2.81 5.49 6.66
C SER B 130 3.01 4.55 7.86
N GLY B 131 2.71 3.27 7.64
CA GLY B 131 2.86 2.27 8.69
C GLY B 131 1.82 2.32 9.79
N THR B 132 0.75 3.09 9.57
CA THR B 132 -0.34 3.20 10.53
C THR B 132 -1.61 2.57 9.96
N ASP B 133 -2.68 2.57 10.74
CA ASP B 133 -3.97 2.12 10.23
C ASP B 133 -4.96 3.26 9.96
N LEU B 134 -4.44 4.46 9.69
CA LEU B 134 -5.28 5.62 9.41
C LEU B 134 -6.26 5.38 8.26
N ASP B 135 -5.75 4.94 7.11
CA ASP B 135 -6.58 4.65 5.94
C ASP B 135 -7.67 3.65 6.30
N ILE B 136 -7.29 2.58 7.00
CA ILE B 136 -8.24 1.55 7.42
C ILE B 136 -9.38 2.13 8.27
N ARG B 137 -9.03 2.95 9.27
CA ARG B 137 -10.03 3.56 10.16
C ARG B 137 -10.94 4.51 9.39
N LEU B 138 -10.38 5.27 8.46
CA LEU B 138 -11.17 6.20 7.64
C LEU B 138 -12.14 5.45 6.72
N ARG B 139 -11.66 4.37 6.12
CA ARG B 139 -12.49 3.57 5.20
CA ARG B 139 -12.47 3.54 5.20
C ARG B 139 -13.61 2.84 5.93
N GLU B 140 -13.34 2.42 7.18
CA GLU B 140 -14.36 1.79 8.03
C GLU B 140 -15.54 2.72 8.23
N ARG B 141 -15.25 4.02 8.30
CA ARG B 141 -16.26 5.05 8.55
C ARG B 141 -16.74 5.72 7.27
N ARG B 142 -16.27 5.21 6.13
CA ARG B 142 -16.58 5.74 4.79
C ARG B 142 -16.30 7.25 4.65
N VAL B 143 -15.28 7.71 5.37
CA VAL B 143 -14.84 9.10 5.30
C VAL B 143 -14.23 9.38 3.94
N SER B 144 -14.66 10.46 3.30
CA SER B 144 -14.14 10.83 1.99
C SER B 144 -13.32 12.12 2.02
N THR B 145 -13.43 12.88 3.12
CA THR B 145 -12.72 14.15 3.26
C THR B 145 -11.89 14.20 4.55
N VAL B 146 -10.60 14.50 4.39
CA VAL B 146 -9.72 14.75 5.54
C VAL B 146 -9.41 16.24 5.68
N ILE B 147 -9.40 16.70 6.93
CA ILE B 147 -9.09 18.10 7.26
C ILE B 147 -7.77 18.11 8.01
N LEU B 148 -6.75 18.76 7.42
CA LEU B 148 -5.41 18.68 7.96
C LEU B 148 -5.01 19.91 8.78
N THR B 149 -4.41 19.63 9.94
CA THR B 149 -3.89 20.65 10.86
C THR B 149 -2.55 20.16 11.41
N GLY B 150 -1.74 21.10 11.89
CA GLY B 150 -0.52 20.74 12.61
C GLY B 150 0.77 21.26 11.99
N VAL B 151 1.86 20.59 12.34
CA VAL B 151 3.21 21.04 11.95
C VAL B 151 4.08 19.83 11.58
N LEU B 152 5.09 20.01 10.73
CA LEU B 152 5.36 21.24 9.98
C LEU B 152 4.65 21.17 8.63
N THR B 153 4.24 22.33 8.12
CA THR B 153 3.47 22.40 6.88
C THR B 153 4.15 21.66 5.74
N ASP B 154 5.48 21.80 5.66
CA ASP B 154 6.26 21.28 4.54
C ASP B 154 6.87 19.90 4.81
N ILE B 155 6.59 19.31 5.97
CA ILE B 155 7.12 17.98 6.27
C ILE B 155 5.98 17.01 6.62
N SER B 156 5.62 16.86 7.89
CA SER B 156 4.58 15.91 8.26
C SER B 156 3.23 16.23 7.60
N VAL B 157 2.86 17.51 7.56
CA VAL B 157 1.61 17.91 6.92
C VAL B 157 1.65 17.64 5.41
N LEU B 158 2.74 18.02 4.76
CA LEU B 158 2.91 17.80 3.32
C LEU B 158 2.86 16.32 2.94
N HIS B 159 3.61 15.50 3.67
CA HIS B 159 3.63 14.05 3.43
C HIS B 159 2.27 13.41 3.64
N THR B 160 1.58 13.83 4.70
CA THR B 160 0.23 13.36 4.97
C THR B 160 -0.74 13.76 3.85
N ALA B 161 -0.60 14.99 3.37
CA ALA B 161 -1.45 15.52 2.30
C ALA B 161 -1.25 14.77 0.99
N ILE B 162 0.00 14.48 0.66
CA ILE B 162 0.34 13.75 -0.57
C ILE B 162 -0.19 12.32 -0.52
N ASP B 163 -0.02 11.65 0.62
CA ASP B 163 -0.58 10.32 0.84
C ASP B 163 -2.10 10.33 0.73
N ALA B 164 -2.74 11.33 1.33
CA ALA B 164 -4.20 11.48 1.26
C ALA B 164 -4.67 11.62 -0.20
N TYR B 165 -3.95 12.41 -0.98
CA TYR B 165 -4.26 12.61 -2.40
C TYR B 165 -4.19 11.31 -3.18
N ASN B 166 -3.09 10.58 -3.02
CA ASN B 166 -2.90 9.30 -3.71
C ASN B 166 -3.91 8.23 -3.29
N LEU B 167 -4.40 8.34 -2.06
CA LEU B 167 -5.44 7.46 -1.53
C LEU B 167 -6.86 7.96 -1.85
N GLY B 168 -6.96 9.01 -2.65
CA GLY B 168 -8.24 9.45 -3.20
C GLY B 168 -9.15 10.26 -2.28
N TYR B 169 -8.59 10.77 -1.18
CA TYR B 169 -9.35 11.62 -0.28
C TYR B 169 -9.45 13.05 -0.79
N ASP B 170 -10.63 13.65 -0.59
CA ASP B 170 -10.76 15.10 -0.71
C ASP B 170 -10.03 15.70 0.48
N ILE B 171 -9.35 16.82 0.25
CA ILE B 171 -8.49 17.41 1.26
C ILE B 171 -8.89 18.83 1.59
N GLU B 172 -9.01 19.13 2.88
CA GLU B 172 -9.11 20.49 3.37
C GLU B 172 -7.89 20.79 4.22
N ILE B 173 -7.30 21.97 4.02
CA ILE B 173 -6.17 22.42 4.82
C ILE B 173 -6.64 23.61 5.64
N VAL B 174 -6.51 23.52 6.97
CA VAL B 174 -6.82 24.67 7.82
C VAL B 174 -5.61 25.59 7.84
N LYS B 175 -5.63 26.59 6.98
CA LYS B 175 -4.50 27.50 6.78
C LYS B 175 -3.96 28.14 8.06
N PRO B 176 -4.84 28.71 8.91
CA PRO B 176 -4.34 29.30 10.17
C PRO B 176 -3.97 28.25 11.23
N ALA B 177 -4.14 26.97 10.92
CA ALA B 177 -3.83 25.89 11.86
C ALA B 177 -2.76 24.93 11.34
N VAL B 178 -1.94 25.43 10.41
CA VAL B 178 -0.70 24.76 10.01
C VAL B 178 0.44 25.76 10.06
N ALA B 179 1.66 25.28 10.34
CA ALA B 179 2.81 26.16 10.46
C ALA B 179 4.13 25.42 10.19
N SER B 180 5.11 26.17 9.73
CA SER B 180 6.48 25.68 9.57
C SER B 180 7.45 26.62 10.25
N ILE B 181 8.65 26.15 10.50
CA ILE B 181 9.72 27.01 11.01
C ILE B 181 10.17 28.00 9.94
N TRP B 182 10.10 27.58 8.67
CA TRP B 182 10.48 28.46 7.56
CA TRP B 182 10.50 28.41 7.52
C TRP B 182 9.28 28.96 6.78
N PRO B 183 9.06 30.30 6.78
CA PRO B 183 7.89 30.87 6.11
C PRO B 183 7.79 30.57 4.60
N GLU B 184 8.94 30.53 3.92
CA GLU B 184 8.95 30.24 2.48
C GLU B 184 8.53 28.80 2.18
N ASN B 185 8.86 27.88 3.09
CA ASN B 185 8.46 26.48 2.95
C ASN B 185 6.98 26.29 3.23
N HIS B 186 6.46 27.06 4.19
CA HIS B 186 5.04 27.12 4.47
C HIS B 186 4.27 27.58 3.23
N GLN B 187 4.79 28.62 2.58
CA GLN B 187 4.20 29.16 1.36
C GLN B 187 4.22 28.16 0.21
N PHE B 188 5.34 27.48 0.02
CA PHE B 188 5.42 26.45 -1.01
C PHE B 188 4.35 25.39 -0.78
N ALA B 189 4.26 24.90 0.45
CA ALA B 189 3.36 23.80 0.79
C ALA B 189 1.90 24.19 0.55
N LEU B 190 1.51 25.39 0.98
CA LEU B 190 0.15 25.88 0.77
C LEU B 190 -0.19 25.95 -0.72
N GLY B 191 0.74 26.43 -1.53
CA GLY B 191 0.57 26.47 -2.98
C GLY B 191 0.45 25.08 -3.57
N HIS B 192 1.29 24.17 -3.08
CA HIS B 192 1.27 22.78 -3.52
C HIS B 192 -0.07 22.12 -3.21
N PHE B 193 -0.59 22.34 -1.99
CA PHE B 193 -1.88 21.79 -1.58
C PHE B 193 -3.00 22.23 -2.53
N LYS B 194 -3.07 23.53 -2.79
CA LYS B 194 -4.12 24.10 -3.62
C LYS B 194 -3.97 23.73 -5.10
N ASN B 195 -2.77 23.93 -5.65
CA ASN B 195 -2.55 23.83 -7.09
C ASN B 195 -2.25 22.42 -7.61
N THR B 196 -1.65 21.60 -6.77
CA THR B 196 -1.23 20.26 -7.18
C THR B 196 -2.13 19.17 -6.60
N LEU B 197 -2.58 19.35 -5.36
CA LEU B 197 -3.43 18.36 -4.71
C LEU B 197 -4.92 18.68 -4.82
N GLY B 198 -5.23 19.91 -5.24
CA GLY B 198 -6.61 20.34 -5.39
C GLY B 198 -7.32 20.49 -4.05
N ALA B 199 -6.56 20.75 -3.00
CA ALA B 199 -7.09 20.91 -1.65
C ALA B 199 -7.83 22.23 -1.50
N LYS B 200 -8.83 22.23 -0.63
CA LYS B 200 -9.56 23.43 -0.25
C LYS B 200 -8.87 24.04 0.96
N LEU B 201 -8.52 25.32 0.88
CA LEU B 201 -7.99 26.02 2.04
C LEU B 201 -9.14 26.60 2.85
N VAL B 202 -9.17 26.28 4.15
CA VAL B 202 -10.24 26.75 5.04
C VAL B 202 -9.67 27.46 6.26
N ASP B 203 -10.51 28.26 6.92
CA ASP B 203 -10.11 28.96 8.14
C ASP B 203 -10.47 28.14 9.40
N GLU B 204 -10.28 28.75 10.57
CA GLU B 204 -10.57 28.08 11.85
C GLU B 204 -12.08 27.86 12.09
N ASN B 205 -12.91 28.48 11.27
CA ASN B 205 -14.36 28.27 11.29
C ASN B 205 -14.80 27.24 10.25
N LEU B 206 -13.82 26.58 9.63
CA LEU B 206 -14.04 25.61 8.54
C LEU B 206 -14.76 26.20 7.33
N ASN B 207 -14.56 27.49 7.11
CA ASN B 207 -15.08 28.18 5.93
C ASN B 207 -13.97 28.34 4.89
N GLU B 208 -14.29 28.06 3.63
CA GLU B 208 -13.31 28.15 2.55
C GLU B 208 -12.74 29.57 2.42
N LEU B 209 -11.43 29.64 2.25
CA LEU B 209 -10.73 30.89 1.99
C LEU B 209 -10.54 31.09 0.49
N PHE B 210 -10.92 32.27 0.01
CA PHE B 210 -10.78 32.62 -1.41
C PHE B 210 -9.74 33.71 -1.60
N MET C 21 26.81 -2.34 -5.81
CA MET C 21 25.44 -2.92 -5.94
C MET C 21 24.68 -2.31 -7.11
N THR C 22 23.82 -3.11 -7.74
CA THR C 22 22.99 -2.64 -8.84
C THR C 22 21.81 -1.81 -8.33
N LYS C 23 21.59 -0.66 -8.95
CA LYS C 23 20.56 0.29 -8.55
C LYS C 23 19.51 0.43 -9.64
N ALA C 24 18.53 1.30 -9.40
CA ALA C 24 17.54 1.61 -10.42
C ALA C 24 17.45 3.10 -10.63
N LEU C 25 17.52 3.53 -11.88
CA LEU C 25 17.30 4.93 -12.24
C LEU C 25 15.87 5.10 -12.73
N ILE C 26 15.20 6.11 -12.18
CA ILE C 26 13.82 6.39 -12.55
C ILE C 26 13.78 7.65 -13.41
N SER C 27 13.18 7.52 -14.59
CA SER C 27 13.09 8.62 -15.55
C SER C 27 11.66 9.13 -15.58
N ILE C 28 11.45 10.29 -14.95
CA ILE C 28 10.11 10.77 -14.65
C ILE C 28 9.64 11.86 -15.61
N ASP C 29 8.64 11.50 -16.44
CA ASP C 29 7.89 12.45 -17.26
C ASP C 29 8.71 13.36 -18.18
N TYR C 30 9.87 12.91 -18.64
CA TYR C 30 10.70 13.74 -19.51
C TYR C 30 10.26 13.63 -20.97
N THR C 31 9.05 14.13 -21.22
CA THR C 31 8.39 13.99 -22.52
C THR C 31 8.11 15.34 -23.17
N GLU C 32 7.74 15.29 -24.45
CA GLU C 32 7.49 16.50 -25.25
CA GLU C 32 7.46 16.48 -25.27
C GLU C 32 6.55 17.49 -24.57
N ASP C 33 5.46 16.99 -23.99
CA ASP C 33 4.47 17.87 -23.35
C ASP C 33 4.99 18.63 -22.12
N PHE C 34 6.03 18.12 -21.48
CA PHE C 34 6.63 18.77 -20.32
C PHE C 34 7.88 19.59 -20.64
N VAL C 35 8.44 19.39 -21.84
CA VAL C 35 9.75 19.94 -22.17
C VAL C 35 9.79 20.84 -23.41
N ALA C 36 9.18 20.39 -24.51
CA ALA C 36 9.22 21.13 -25.78
C ALA C 36 8.53 22.49 -25.71
N ASP C 37 8.92 23.40 -26.60
CA ASP C 37 8.33 24.75 -26.66
C ASP C 37 6.81 24.72 -26.79
N SER C 38 6.29 23.83 -27.62
CA SER C 38 4.85 23.72 -27.86
C SER C 38 4.19 22.65 -26.98
N GLY C 39 4.94 22.16 -26.00
CA GLY C 39 4.42 21.18 -25.05
C GLY C 39 3.20 21.69 -24.32
N LYS C 40 2.21 20.82 -24.14
CA LYS C 40 0.92 21.18 -23.55
C LYS C 40 1.01 21.65 -22.10
N LEU C 41 2.01 21.14 -21.38
CA LEU C 41 2.26 21.55 -20.00
C LEU C 41 3.75 21.78 -19.78
N THR C 42 4.35 22.50 -20.73
CA THR C 42 5.81 22.62 -20.79
C THR C 42 6.42 23.47 -19.67
N ALA C 43 7.53 22.97 -19.12
CA ALA C 43 8.31 23.72 -18.14
C ALA C 43 9.30 24.65 -18.84
N GLY C 44 9.37 24.54 -20.17
CA GLY C 44 10.15 25.47 -21.00
C GLY C 44 11.65 25.35 -20.83
N ALA C 45 12.31 26.51 -20.81
CA ALA C 45 13.77 26.61 -20.80
C ALA C 45 14.50 25.76 -19.74
N PRO C 46 14.06 25.84 -18.45
CA PRO C 46 14.76 25.02 -17.43
C PRO C 46 14.69 23.52 -17.69
N ALA C 47 13.57 23.05 -18.25
CA ALA C 47 13.40 21.64 -18.60
C ALA C 47 14.26 21.24 -19.79
N GLN C 48 14.31 22.11 -20.79
CA GLN C 48 15.15 21.89 -21.98
C GLN C 48 16.63 21.89 -21.63
N ALA C 49 17.01 22.68 -20.63
CA ALA C 49 18.41 22.83 -20.21
C ALA C 49 19.02 21.55 -19.63
N ILE C 50 18.19 20.65 -19.12
CA ILE C 50 18.69 19.42 -18.52
C ILE C 50 18.77 18.25 -19.51
N SER C 51 18.41 18.50 -20.78
CA SER C 51 18.34 17.45 -21.80
C SER C 51 19.63 16.66 -21.97
N ASP C 52 20.77 17.36 -22.02
CA ASP C 52 22.07 16.70 -22.14
C ASP C 52 22.41 15.86 -20.92
N ALA C 53 22.19 16.44 -19.74
CA ALA C 53 22.52 15.77 -18.47
C ALA C 53 21.66 14.55 -18.21
N ILE C 54 20.36 14.64 -18.49
CA ILE C 54 19.44 13.53 -18.22
C ILE C 54 19.71 12.33 -19.14
N SER C 55 20.04 12.58 -20.39
CA SER C 55 20.40 11.50 -21.32
C SER C 55 21.75 10.89 -20.94
N LYS C 56 22.71 11.74 -20.59
CA LYS C 56 24.05 11.27 -20.19
C LYS C 56 24.00 10.36 -18.97
N VAL C 57 23.30 10.79 -17.93
CA VAL C 57 23.23 10.04 -16.69
C VAL C 57 22.47 8.71 -16.84
N THR C 58 21.43 8.71 -17.69
CA THR C 58 20.65 7.51 -17.96
C THR C 58 21.50 6.47 -18.70
N ARG C 59 22.24 6.91 -19.70
CA ARG C 59 23.17 6.05 -20.45
C ARG C 59 24.23 5.46 -19.53
N LEU C 60 24.78 6.31 -18.65
CA LEU C 60 25.79 5.89 -17.69
C LEU C 60 25.26 4.81 -16.75
N ALA C 61 24.06 5.03 -16.21
CA ALA C 61 23.41 4.07 -15.32
C ALA C 61 23.15 2.74 -16.03
N PHE C 62 22.65 2.79 -17.26
CA PHE C 62 22.39 1.58 -18.03
C PHE C 62 23.67 0.81 -18.33
N GLU C 63 24.73 1.54 -18.71
CA GLU C 63 26.00 0.94 -19.09
C GLU C 63 26.67 0.17 -17.95
N ARG C 64 26.45 0.63 -16.72
CA ARG C 64 27.04 0.00 -15.55
C ARG C 64 26.20 -1.15 -14.98
N GLY C 65 25.00 -1.34 -15.55
CA GLY C 65 24.17 -2.50 -15.20
C GLY C 65 22.91 -2.19 -14.42
N ASP C 66 22.60 -0.91 -14.22
CA ASP C 66 21.41 -0.52 -13.46
C ASP C 66 20.13 -0.71 -14.27
N TYR C 67 19.02 -0.88 -13.56
CA TYR C 67 17.70 -0.93 -14.19
C TYR C 67 17.22 0.47 -14.48
N ILE C 68 16.51 0.64 -15.59
CA ILE C 68 15.99 1.93 -15.99
C ILE C 68 14.47 1.85 -16.09
N PHE C 69 13.78 2.72 -15.34
CA PHE C 69 12.32 2.75 -15.36
C PHE C 69 11.82 4.09 -15.88
N PHE C 70 11.22 4.06 -17.06
CA PHE C 70 10.54 5.23 -17.61
C PHE C 70 9.13 5.23 -17.05
N THR C 71 8.84 6.22 -16.20
CA THR C 71 7.56 6.31 -15.53
C THR C 71 6.86 7.56 -16.04
N ILE C 72 5.86 7.34 -16.88
CA ILE C 72 5.35 8.39 -17.77
C ILE C 72 3.85 8.59 -17.63
N ASP C 73 3.45 9.84 -17.38
CA ASP C 73 2.04 10.24 -17.38
C ASP C 73 1.32 9.67 -18.60
N ALA C 74 0.19 9.03 -18.34
CA ALA C 74 -0.66 8.48 -19.40
C ALA C 74 -2.08 8.92 -19.13
N HIS C 75 -2.45 10.08 -19.69
CA HIS C 75 -3.72 10.70 -19.40
C HIS C 75 -4.74 10.54 -20.53
N GLU C 76 -6.01 10.71 -20.18
CA GLU C 76 -7.10 10.73 -21.15
C GLU C 76 -7.90 12.00 -20.97
N GLU C 77 -8.14 12.69 -22.08
CA GLU C 77 -8.78 14.01 -22.05
C GLU C 77 -10.18 14.01 -21.44
N ASN C 78 -10.92 12.93 -21.65
CA ASN C 78 -12.31 12.84 -21.21
C ASN C 78 -12.50 12.17 -19.84
N ASP C 79 -11.45 12.13 -19.03
CA ASP C 79 -11.51 11.49 -17.71
C ASP C 79 -11.91 12.47 -16.61
N CYS C 80 -13.22 12.54 -16.35
CA CYS C 80 -13.77 13.44 -15.35
C CYS C 80 -13.63 12.91 -13.93
N PHE C 81 -13.26 11.63 -13.79
CA PHE C 81 -13.09 11.01 -12.48
C PHE C 81 -11.71 11.23 -11.87
N HIS C 82 -10.78 11.76 -12.68
CA HIS C 82 -9.44 12.10 -12.20
C HIS C 82 -9.42 13.53 -11.68
N PRO C 83 -9.11 13.72 -10.38
CA PRO C 83 -9.00 15.07 -9.79
C PRO C 83 -8.00 15.99 -10.51
N GLU C 84 -6.96 15.41 -11.11
CA GLU C 84 -5.93 16.18 -11.81
C GLU C 84 -6.47 16.91 -13.05
N SER C 85 -7.50 16.36 -13.68
CA SER C 85 -8.10 16.96 -14.87
C SER C 85 -8.59 18.39 -14.63
N LYS C 86 -8.94 18.70 -13.39
CA LYS C 86 -9.41 20.03 -12.99
C LYS C 86 -8.27 21.00 -12.66
N LEU C 87 -7.05 20.47 -12.53
CA LEU C 87 -5.92 21.25 -12.04
C LEU C 87 -4.93 21.69 -13.11
N PHE C 88 -4.86 20.91 -14.18
CA PHE C 88 -3.93 21.17 -15.28
C PHE C 88 -4.62 20.93 -16.62
N PRO C 89 -4.19 21.65 -17.68
CA PRO C 89 -4.73 21.38 -19.01
C PRO C 89 -4.33 19.97 -19.47
N PRO C 90 -5.05 19.40 -20.46
CA PRO C 90 -4.71 18.07 -20.96
C PRO C 90 -3.25 17.98 -21.38
N HIS C 91 -2.58 16.91 -20.94
CA HIS C 91 -1.16 16.70 -21.22
C HIS C 91 -0.84 15.21 -21.22
N ASN C 92 0.22 14.83 -21.93
CA ASN C 92 0.62 13.42 -22.06
C ASN C 92 -0.55 12.49 -22.34
N LEU C 93 -1.35 12.85 -23.34
CA LEU C 93 -2.52 12.06 -23.71
C LEU C 93 -2.08 10.78 -24.43
N ILE C 94 -2.70 9.67 -24.03
CA ILE C 94 -2.42 8.36 -24.63
C ILE C 94 -2.56 8.43 -26.15
N GLY C 95 -1.54 7.95 -26.85
CA GLY C 95 -1.53 7.89 -28.31
C GLY C 95 -1.06 9.15 -29.01
N THR C 96 -0.60 10.14 -28.23
CA THR C 96 -0.14 11.41 -28.80
C THR C 96 1.38 11.58 -28.70
N SER C 97 1.92 12.47 -29.53
CA SER C 97 3.35 12.76 -29.56
C SER C 97 3.84 13.45 -28.28
N GLY C 98 2.89 13.97 -27.49
CA GLY C 98 3.21 14.60 -26.21
C GLY C 98 3.88 13.65 -25.23
N ARG C 99 3.66 12.35 -25.41
CA ARG C 99 4.22 11.31 -24.55
C ARG C 99 5.59 10.80 -25.02
N ASN C 100 6.05 11.29 -26.18
CA ASN C 100 7.36 10.92 -26.70
C ASN C 100 8.48 11.52 -25.83
N LEU C 101 9.50 10.72 -25.55
CA LEU C 101 10.65 11.18 -24.76
C LEU C 101 11.41 12.28 -25.50
N TYR C 102 11.83 13.30 -24.76
CA TYR C 102 12.48 14.48 -25.33
C TYR C 102 13.99 14.31 -25.45
N GLY C 103 14.53 14.76 -26.58
CA GLY C 103 15.98 14.82 -26.78
C GLY C 103 16.65 13.47 -26.94
N ASP C 104 17.94 13.42 -26.62
CA ASP C 104 18.76 12.21 -26.76
C ASP C 104 18.26 11.05 -25.90
N LEU C 105 17.50 11.36 -24.84
CA LEU C 105 16.88 10.34 -24.01
C LEU C 105 15.97 9.43 -24.86
N GLY C 106 15.28 10.04 -25.82
CA GLY C 106 14.46 9.30 -26.78
C GLY C 106 15.27 8.35 -27.66
N ILE C 107 16.49 8.78 -28.00
CA ILE C 107 17.41 7.96 -28.78
C ILE C 107 17.90 6.76 -27.96
N PHE C 108 18.23 7.00 -26.69
CA PHE C 108 18.56 5.91 -25.77
C PHE C 108 17.44 4.86 -25.74
N TYR C 109 16.19 5.34 -25.68
CA TYR C 109 15.05 4.43 -25.63
C TYR C 109 14.88 3.63 -26.93
N GLN C 110 15.20 4.24 -28.06
CA GLN C 110 15.18 3.52 -29.34
C GLN C 110 16.22 2.40 -29.35
N GLU C 111 17.37 2.67 -28.75
CA GLU C 111 18.48 1.72 -28.70
C GLU C 111 18.25 0.58 -27.71
N HIS C 112 17.61 0.88 -26.57
CA HIS C 112 17.58 -0.05 -25.44
C HIS C 112 16.21 -0.32 -24.81
N GLY C 113 15.15 0.22 -25.40
CA GLY C 113 13.80 0.08 -24.85
C GLY C 113 13.29 -1.35 -24.69
N SER C 114 13.82 -2.27 -25.52
CA SER C 114 13.41 -3.67 -25.49
CA SER C 114 13.40 -3.66 -25.49
C SER C 114 14.27 -4.53 -24.57
N ASP C 115 15.32 -3.94 -24.00
CA ASP C 115 16.21 -4.65 -23.07
C ASP C 115 15.45 -5.05 -21.80
N SER C 116 15.79 -6.20 -21.23
CA SER C 116 15.11 -6.71 -20.04
C SER C 116 15.27 -5.81 -18.82
N ARG C 117 16.30 -4.97 -18.84
CA ARG C 117 16.59 -4.04 -17.74
C ARG C 117 15.93 -2.67 -17.92
N VAL C 118 15.24 -2.46 -19.05
CA VAL C 118 14.58 -1.18 -19.32
C VAL C 118 13.06 -1.36 -19.35
N PHE C 119 12.36 -0.49 -18.62
CA PHE C 119 10.91 -0.60 -18.45
C PHE C 119 10.20 0.69 -18.85
N TRP C 120 9.01 0.53 -19.43
CA TRP C 120 8.10 1.64 -19.66
C TRP C 120 6.85 1.41 -18.83
N MET C 121 6.57 2.35 -17.93
CA MET C 121 5.41 2.26 -17.04
C MET C 121 4.51 3.47 -17.19
N ASP C 122 3.25 3.22 -17.52
CA ASP C 122 2.26 4.28 -17.57
C ASP C 122 1.76 4.58 -16.16
N LYS C 123 1.62 5.86 -15.85
CA LYS C 123 1.11 6.30 -14.55
C LYS C 123 0.05 7.37 -14.71
N ARG C 124 -0.84 7.46 -13.72
CA ARG C 124 -1.92 8.44 -13.75
C ARG C 124 -1.76 9.53 -12.69
N HIS C 125 -1.12 9.18 -11.58
CA HIS C 125 -0.79 10.17 -10.56
C HIS C 125 0.61 10.73 -10.80
N TYR C 126 1.01 11.70 -9.97
CA TYR C 126 2.32 12.31 -10.10
C TYR C 126 3.43 11.34 -9.73
N SER C 127 3.24 10.64 -8.62
CA SER C 127 4.21 9.65 -8.14
C SER C 127 4.31 8.44 -9.06
N ALA C 128 5.54 8.05 -9.36
CA ALA C 128 5.81 6.87 -10.18
C ALA C 128 5.37 5.55 -9.53
N PHE C 129 5.12 5.59 -8.22
CA PHE C 129 4.73 4.40 -7.46
C PHE C 129 3.22 4.18 -7.40
N SER C 130 2.46 5.27 -7.53
CA SER C 130 1.02 5.25 -7.25
C SER C 130 0.22 4.52 -8.33
N GLY C 131 -0.34 3.38 -7.95
CA GLY C 131 -1.14 2.55 -8.87
C GLY C 131 -0.33 1.86 -9.96
N THR C 132 0.97 1.79 -9.77
CA THR C 132 1.87 1.09 -10.70
C THR C 132 2.47 -0.12 -10.01
N ASP C 133 3.29 -0.88 -10.74
CA ASP C 133 3.98 -2.01 -10.13
C ASP C 133 5.48 -1.74 -9.94
N LEU C 134 5.84 -0.46 -9.82
CA LEU C 134 7.25 -0.07 -9.66
C LEU C 134 7.89 -0.72 -8.43
N ASP C 135 7.22 -0.63 -7.28
CA ASP C 135 7.74 -1.23 -6.06
C ASP C 135 7.94 -2.74 -6.21
N ILE C 136 6.96 -3.40 -6.82
CA ILE C 136 7.05 -4.85 -7.07
C ILE C 136 8.27 -5.22 -7.92
N ARG C 137 8.48 -4.49 -9.01
CA ARG C 137 9.61 -4.77 -9.90
C ARG C 137 10.95 -4.52 -9.22
N LEU C 138 11.03 -3.45 -8.43
CA LEU C 138 12.24 -3.14 -7.67
C LEU C 138 12.54 -4.22 -6.63
N ARG C 139 11.51 -4.70 -5.95
CA ARG C 139 11.66 -5.72 -4.93
CA ARG C 139 11.64 -5.73 -4.93
C ARG C 139 12.03 -7.08 -5.51
N GLU C 140 11.54 -7.38 -6.71
CA GLU C 140 11.92 -8.62 -7.42
C GLU C 140 13.43 -8.66 -7.61
N ARG C 141 14.00 -7.49 -7.87
CA ARG C 141 15.43 -7.34 -8.18
C ARG C 141 16.27 -7.01 -6.95
N ARG C 142 15.62 -6.96 -5.79
CA ARG C 142 16.27 -6.61 -4.51
C ARG C 142 17.05 -5.30 -4.60
N VAL C 143 16.47 -4.33 -5.31
CA VAL C 143 17.05 -2.99 -5.43
C VAL C 143 16.76 -2.22 -4.15
N SER C 144 17.81 -1.59 -3.59
CA SER C 144 17.66 -0.81 -2.36
C SER C 144 17.84 0.69 -2.58
N THR C 145 18.38 1.08 -3.73
CA THR C 145 18.62 2.49 -4.05
C THR C 145 17.97 2.90 -5.36
N VAL C 146 17.17 3.95 -5.32
CA VAL C 146 16.62 4.57 -6.53
C VAL C 146 17.32 5.91 -6.83
N ILE C 147 17.56 6.14 -8.11
CA ILE C 147 18.18 7.36 -8.61
C ILE C 147 17.12 8.11 -9.43
N LEU C 148 16.76 9.32 -9.00
CA LEU C 148 15.65 10.02 -9.61
C LEU C 148 16.08 11.11 -10.58
N THR C 149 15.42 11.14 -11.74
CA THR C 149 15.64 12.15 -12.77
C THR C 149 14.27 12.55 -13.34
N GLY C 150 14.20 13.73 -13.93
CA GLY C 150 13.01 14.15 -14.67
C GLY C 150 12.36 15.44 -14.19
N VAL C 151 11.10 15.61 -14.55
CA VAL C 151 10.35 16.83 -14.27
C VAL C 151 8.94 16.48 -13.77
N LEU C 152 8.29 17.37 -13.00
CA LEU C 152 8.87 18.58 -12.43
C LEU C 152 9.42 18.25 -11.05
N THR C 153 10.47 18.94 -10.64
CA THR C 153 11.16 18.67 -9.37
C THR C 153 10.20 18.64 -8.19
N ASP C 154 9.26 19.60 -8.18
CA ASP C 154 8.35 19.81 -7.05
C ASP C 154 7.02 19.09 -7.19
N ILE C 155 6.82 18.36 -8.28
CA ILE C 155 5.56 17.63 -8.46
C ILE C 155 5.80 16.12 -8.63
N SER C 156 5.98 15.65 -9.86
CA SER C 156 6.18 14.21 -10.09
C SER C 156 7.45 13.67 -9.42
N VAL C 157 8.54 14.44 -9.45
CA VAL C 157 9.78 14.01 -8.80
C VAL C 157 9.61 13.99 -7.28
N LEU C 158 9.04 15.07 -6.73
CA LEU C 158 8.81 15.17 -5.28
C LEU C 158 7.92 14.03 -4.74
N HIS C 159 6.80 13.79 -5.42
CA HIS C 159 5.89 12.73 -5.02
C HIS C 159 6.53 11.35 -5.09
N THR C 160 7.31 11.12 -6.15
CA THR C 160 8.04 9.88 -6.32
C THR C 160 9.06 9.68 -5.20
N ALA C 161 9.79 10.75 -4.87
CA ALA C 161 10.80 10.72 -3.82
C ALA C 161 10.20 10.42 -2.44
N ILE C 162 9.07 11.04 -2.14
CA ILE C 162 8.39 10.84 -0.86
C ILE C 162 7.90 9.40 -0.75
N ASP C 163 7.30 8.88 -1.81
CA ASP C 163 6.88 7.48 -1.84
C ASP C 163 8.07 6.53 -1.67
N ALA C 164 9.17 6.82 -2.36
CA ALA C 164 10.39 6.03 -2.24
C ALA C 164 10.90 6.00 -0.80
N TYR C 165 10.90 7.17 -0.16
CA TYR C 165 11.30 7.30 1.25
C TYR C 165 10.45 6.41 2.16
N ASN C 166 9.13 6.51 2.01
CA ASN C 166 8.21 5.75 2.85
C ASN C 166 8.30 4.24 2.60
N LEU C 167 8.69 3.88 1.38
CA LEU C 167 8.92 2.49 1.01
C LEU C 167 10.34 2.00 1.34
N GLY C 168 11.12 2.84 2.02
CA GLY C 168 12.41 2.42 2.58
C GLY C 168 13.58 2.36 1.63
N TYR C 169 13.46 3.01 0.48
CA TYR C 169 14.55 3.08 -0.48
C TYR C 169 15.54 4.16 -0.10
N ASP C 170 16.83 3.88 -0.30
CA ASP C 170 17.83 4.93 -0.32
C ASP C 170 17.62 5.70 -1.61
N ILE C 171 17.81 7.01 -1.55
CA ILE C 171 17.48 7.88 -2.68
C ILE C 171 18.68 8.69 -3.14
N GLU C 172 18.88 8.72 -4.45
CA GLU C 172 19.80 9.65 -5.08
C GLU C 172 19.01 10.55 -6.01
N ILE C 173 19.32 11.85 -5.98
CA ILE C 173 18.71 12.81 -6.89
C ILE C 173 19.80 13.35 -7.81
N VAL C 174 19.61 13.22 -9.11
CA VAL C 174 20.53 13.83 -10.07
C VAL C 174 20.13 15.29 -10.25
N LYS C 175 20.80 16.16 -9.49
CA LYS C 175 20.49 17.59 -9.47
C LYS C 175 20.45 18.25 -10.85
N PRO C 176 21.49 18.02 -11.70
CA PRO C 176 21.44 18.63 -13.03
C PRO C 176 20.49 17.92 -14.01
N ALA C 177 19.82 16.86 -13.56
CA ALA C 177 18.85 16.13 -14.39
C ALA C 177 17.43 16.14 -13.81
N VAL C 178 17.15 17.15 -12.98
CA VAL C 178 15.78 17.47 -12.58
C VAL C 178 15.53 18.96 -12.81
N ALA C 179 14.28 19.33 -13.08
CA ALA C 179 13.93 20.72 -13.35
C ALA C 179 12.47 21.02 -13.05
N SER C 180 12.19 22.28 -12.73
CA SER C 180 10.83 22.77 -12.57
C SER C 180 10.64 24.07 -13.31
N ILE C 181 9.39 24.43 -13.57
CA ILE C 181 9.03 25.70 -14.18
C ILE C 181 9.34 26.89 -13.25
N TRP C 182 9.26 26.66 -11.95
CA TRP C 182 9.54 27.70 -10.95
C TRP C 182 10.83 27.41 -10.19
N PRO C 183 11.82 28.33 -10.28
CA PRO C 183 13.11 28.18 -9.61
C PRO C 183 13.02 28.01 -8.09
N GLU C 184 12.10 28.75 -7.46
CA GLU C 184 11.88 28.66 -6.01
C GLU C 184 11.33 27.29 -5.59
N ASN C 185 10.48 26.71 -6.42
CA ASN C 185 9.92 25.38 -6.19
C ASN C 185 10.96 24.28 -6.37
N HIS C 186 11.81 24.44 -7.39
CA HIS C 186 12.95 23.57 -7.64
C HIS C 186 13.87 23.55 -6.41
N GLN C 187 14.16 24.73 -5.87
CA GLN C 187 15.03 24.87 -4.70
C GLN C 187 14.41 24.30 -3.43
N PHE C 188 13.10 24.50 -3.24
CA PHE C 188 12.43 23.88 -2.10
C PHE C 188 12.59 22.37 -2.15
N ALA C 189 12.30 21.81 -3.33
CA ALA C 189 12.30 20.36 -3.51
C ALA C 189 13.68 19.76 -3.26
N LEU C 190 14.72 20.39 -3.80
CA LEU C 190 16.09 19.91 -3.59
C LEU C 190 16.46 19.91 -2.11
N GLY C 191 16.07 20.98 -1.41
CA GLY C 191 16.28 21.09 0.04
C GLY C 191 15.54 20.00 0.79
N HIS C 192 14.29 19.76 0.39
CA HIS C 192 13.46 18.72 0.98
C HIS C 192 14.10 17.33 0.80
N PHE C 193 14.57 17.04 -0.41
CA PHE C 193 15.23 15.76 -0.69
C PHE C 193 16.41 15.50 0.24
N LYS C 194 17.28 16.50 0.37
CA LYS C 194 18.50 16.36 1.15
C LYS C 194 18.22 16.34 2.65
N ASN C 195 17.43 17.29 3.13
CA ASN C 195 17.27 17.52 4.56
C ASN C 195 16.17 16.71 5.25
N THR C 196 15.13 16.36 4.50
CA THR C 196 14.01 15.62 5.06
C THR C 196 14.00 14.14 4.63
N LEU C 197 14.38 13.88 3.38
CA LEU C 197 14.39 12.51 2.88
C LEU C 197 15.76 11.83 3.01
N GLY C 198 16.79 12.63 3.31
CA GLY C 198 18.15 12.11 3.43
C GLY C 198 18.72 11.60 2.12
N ALA C 199 18.25 12.18 1.02
CA ALA C 199 18.73 11.82 -0.31
C ALA C 199 20.14 12.34 -0.55
N LYS C 200 20.90 11.58 -1.33
CA LYS C 200 22.20 12.02 -1.82
C LYS C 200 21.99 12.79 -3.11
N LEU C 201 22.51 14.01 -3.17
CA LEU C 201 22.46 14.80 -4.40
C LEU C 201 23.69 14.49 -5.22
N VAL C 202 23.48 14.04 -6.47
CA VAL C 202 24.57 13.64 -7.36
C VAL C 202 24.54 14.42 -8.67
N ASP C 203 25.67 14.43 -9.38
CA ASP C 203 25.74 15.07 -10.70
C ASP C 203 25.47 14.08 -11.83
N GLU C 204 25.66 14.53 -13.07
CA GLU C 204 25.39 13.71 -14.25
C GLU C 204 26.37 12.55 -14.43
N ASN C 205 27.46 12.56 -13.65
CA ASN C 205 28.42 11.46 -13.61
C ASN C 205 28.14 10.52 -12.43
N LEU C 206 27.00 10.72 -11.78
CA LEU C 206 26.57 9.95 -10.60
C LEU C 206 27.55 10.06 -9.43
N ASN C 207 28.25 11.19 -9.38
CA ASN C 207 29.16 11.52 -8.30
C ASN C 207 28.47 12.49 -7.35
N GLU C 208 28.59 12.23 -6.04
CA GLU C 208 27.97 13.08 -5.04
C GLU C 208 28.42 14.53 -5.18
N LEU C 209 27.54 15.45 -4.80
CA LEU C 209 27.85 16.88 -4.88
C LEU C 209 28.01 17.49 -3.49
N PHE C 210 29.14 18.15 -3.26
CA PHE C 210 29.42 18.78 -1.97
C PHE C 210 29.44 20.30 -2.10
N MET D 21 -27.27 1.68 -5.25
CA MET D 21 -25.86 2.19 -5.27
C MET D 21 -25.05 1.52 -6.37
N THR D 22 -24.19 2.30 -7.02
CA THR D 22 -23.32 1.79 -8.09
C THR D 22 -22.21 0.94 -7.50
N LYS D 23 -22.05 -0.26 -8.05
CA LYS D 23 -21.03 -1.21 -7.61
C LYS D 23 -20.03 -1.45 -8.74
N ALA D 24 -19.03 -2.28 -8.47
CA ALA D 24 -18.09 -2.68 -9.50
C ALA D 24 -17.97 -4.19 -9.56
N LEU D 25 -18.08 -4.74 -10.77
CA LEU D 25 -17.87 -6.16 -10.98
C LEU D 25 -16.45 -6.39 -11.48
N ILE D 26 -15.74 -7.29 -10.81
CA ILE D 26 -14.38 -7.64 -11.16
C ILE D 26 -14.39 -8.98 -11.88
N SER D 27 -13.86 -8.98 -13.11
CA SER D 27 -13.80 -10.18 -13.94
C SER D 27 -12.36 -10.70 -13.95
N ILE D 28 -12.13 -11.79 -13.24
CA ILE D 28 -10.77 -12.25 -12.97
C ILE D 28 -10.33 -13.44 -13.82
N ASP D 29 -9.37 -13.17 -14.71
CA ASP D 29 -8.64 -14.21 -15.45
C ASP D 29 -9.49 -15.22 -16.24
N TYR D 30 -10.67 -14.83 -16.69
CA TYR D 30 -11.53 -15.74 -17.44
C TYR D 30 -11.12 -15.78 -18.93
N THR D 31 -9.94 -16.32 -19.18
CA THR D 31 -9.34 -16.31 -20.51
C THR D 31 -9.11 -17.72 -21.05
N GLU D 32 -8.78 -17.79 -22.35
CA GLU D 32 -8.56 -19.06 -23.04
CA GLU D 32 -8.54 -19.05 -23.05
C GLU D 32 -7.59 -19.98 -22.30
N ASP D 33 -6.49 -19.44 -21.80
CA ASP D 33 -5.48 -20.23 -21.09
C ASP D 33 -5.94 -20.84 -19.78
N PHE D 34 -7.00 -20.27 -19.18
CA PHE D 34 -7.54 -20.79 -17.93
C PHE D 34 -8.82 -21.62 -18.12
N VAL D 35 -9.44 -21.53 -19.30
CA VAL D 35 -10.77 -22.11 -19.51
C VAL D 35 -10.82 -23.18 -20.62
N ALA D 36 -10.27 -22.86 -21.79
CA ALA D 36 -10.35 -23.75 -22.96
C ALA D 36 -9.66 -25.10 -22.74
N ASP D 37 -10.11 -26.12 -23.46
CA ASP D 37 -9.51 -27.47 -23.38
C ASP D 37 -7.99 -27.45 -23.56
N SER D 38 -7.53 -26.64 -24.51
CA SER D 38 -6.13 -26.55 -24.86
C SER D 38 -5.40 -25.40 -24.15
N GLY D 39 -6.10 -24.76 -23.21
CA GLY D 39 -5.52 -23.67 -22.42
C GLY D 39 -4.27 -24.10 -21.68
N LYS D 40 -3.27 -23.23 -21.66
CA LYS D 40 -1.95 -23.55 -21.09
C LYS D 40 -1.97 -23.85 -19.60
N LEU D 41 -2.92 -23.25 -18.88
CA LEU D 41 -3.12 -23.52 -17.46
C LEU D 41 -4.61 -23.72 -17.17
N THR D 42 -5.24 -24.54 -17.99
CA THR D 42 -6.70 -24.67 -17.99
C THR D 42 -7.27 -25.35 -16.75
N ALA D 43 -8.38 -24.80 -16.26
CA ALA D 43 -9.12 -25.39 -15.16
C ALA D 43 -10.12 -26.42 -15.68
N GLY D 44 -10.23 -26.51 -17.01
CA GLY D 44 -11.04 -27.53 -17.68
C GLY D 44 -12.53 -27.39 -17.52
N ALA D 45 -13.19 -28.52 -17.29
CA ALA D 45 -14.65 -28.61 -17.23
C ALA D 45 -15.33 -27.66 -16.22
N PRO D 46 -14.84 -27.60 -14.96
CA PRO D 46 -15.47 -26.68 -14.01
C PRO D 46 -15.41 -25.20 -14.43
N ALA D 47 -14.32 -24.79 -15.07
CA ALA D 47 -14.19 -23.43 -15.59
C ALA D 47 -15.13 -23.18 -16.77
N GLN D 48 -15.22 -24.16 -17.67
CA GLN D 48 -16.12 -24.10 -18.81
C GLN D 48 -17.58 -24.06 -18.39
N ALA D 49 -17.90 -24.73 -17.29
CA ALA D 49 -19.28 -24.83 -16.78
C ALA D 49 -19.87 -23.50 -16.33
N ILE D 50 -19.02 -22.54 -15.99
CA ILE D 50 -19.49 -21.23 -15.51
C ILE D 50 -19.61 -20.17 -16.62
N SER D 51 -19.29 -20.55 -17.85
CA SER D 51 -19.28 -19.63 -19.00
C SER D 51 -20.58 -18.86 -19.19
N ASP D 52 -21.71 -19.56 -19.12
CA ASP D 52 -23.02 -18.92 -19.25
C ASP D 52 -23.32 -17.96 -18.10
N ALA D 53 -23.05 -18.41 -16.87
CA ALA D 53 -23.32 -17.62 -15.67
C ALA D 53 -22.45 -16.37 -15.57
N ILE D 54 -21.16 -16.50 -15.90
CA ILE D 54 -20.23 -15.38 -15.80
C ILE D 54 -20.52 -14.28 -16.82
N SER D 55 -20.91 -14.68 -18.03
CA SER D 55 -21.28 -13.71 -19.07
C SER D 55 -22.63 -13.07 -18.76
N LYS D 56 -23.55 -13.86 -18.21
CA LYS D 56 -24.88 -13.38 -17.83
C LYS D 56 -24.81 -12.32 -16.73
N VAL D 57 -24.06 -12.63 -15.67
CA VAL D 57 -23.94 -11.73 -14.52
C VAL D 57 -23.19 -10.44 -14.86
N THR D 58 -22.23 -10.53 -15.79
CA THR D 58 -21.45 -9.38 -16.23
C THR D 58 -22.33 -8.43 -17.05
N ARG D 59 -23.09 -8.98 -17.99
CA ARG D 59 -24.04 -8.21 -18.79
C ARG D 59 -25.11 -7.55 -17.92
N LEU D 60 -25.59 -8.29 -16.90
CA LEU D 60 -26.57 -7.77 -15.95
C LEU D 60 -26.02 -6.60 -15.15
N ALA D 61 -24.78 -6.76 -14.66
CA ALA D 61 -24.10 -5.71 -13.91
C ALA D 61 -23.87 -4.46 -14.76
N PHE D 62 -23.44 -4.67 -16.01
CA PHE D 62 -23.20 -3.56 -16.93
C PHE D 62 -24.50 -2.81 -17.28
N GLU D 63 -25.58 -3.56 -17.52
CA GLU D 63 -26.87 -2.98 -17.91
C GLU D 63 -27.48 -2.10 -16.82
N ARG D 64 -27.21 -2.44 -15.56
CA ARG D 64 -27.75 -1.70 -14.42
C ARG D 64 -26.90 -0.48 -14.05
N GLY D 65 -25.74 -0.35 -14.67
CA GLY D 65 -24.90 0.84 -14.50
C GLY D 65 -23.60 0.64 -13.72
N ASP D 66 -23.30 -0.60 -13.38
CA ASP D 66 -22.08 -0.92 -12.64
C ASP D 66 -20.82 -0.75 -13.48
N TYR D 67 -19.69 -0.56 -12.81
CA TYR D 67 -18.39 -0.56 -13.47
C TYR D 67 -17.90 -1.99 -13.63
N ILE D 68 -17.24 -2.26 -14.76
CA ILE D 68 -16.72 -3.60 -15.05
C ILE D 68 -15.21 -3.53 -15.21
N PHE D 69 -14.51 -4.28 -14.38
CA PHE D 69 -13.05 -4.34 -14.42
C PHE D 69 -12.55 -5.72 -14.81
N PHE D 70 -12.02 -5.83 -16.02
CA PHE D 70 -11.35 -7.04 -16.45
C PHE D 70 -9.90 -6.99 -15.97
N THR D 71 -9.58 -7.86 -15.02
CA THR D 71 -8.27 -7.89 -14.41
C THR D 71 -7.58 -9.19 -14.84
N ILE D 72 -6.64 -9.07 -15.76
CA ILE D 72 -6.16 -10.21 -16.54
C ILE D 72 -4.65 -10.40 -16.42
N ASP D 73 -4.24 -11.62 -16.08
CA ASP D 73 -2.83 -12.02 -16.09
C ASP D 73 -2.15 -11.59 -17.39
N ALA D 74 -1.01 -10.93 -17.24
CA ALA D 74 -0.20 -10.49 -18.37
C ALA D 74 1.25 -10.89 -18.11
N HIS D 75 1.60 -12.09 -18.57
CA HIS D 75 2.90 -12.67 -18.27
C HIS D 75 3.87 -12.64 -19.44
N GLU D 76 5.16 -12.70 -19.11
CA GLU D 76 6.23 -12.83 -20.09
C GLU D 76 6.99 -14.12 -19.81
N GLU D 77 7.29 -14.87 -20.86
CA GLU D 77 7.95 -16.18 -20.72
C GLU D 77 9.37 -16.08 -20.17
N ASN D 78 10.08 -15.02 -20.51
CA ASN D 78 11.48 -14.83 -20.11
C ASN D 78 11.66 -14.17 -18.74
N ASP D 79 10.60 -14.13 -17.94
CA ASP D 79 10.61 -13.41 -16.67
C ASP D 79 11.13 -14.26 -15.49
N CYS D 80 12.45 -14.35 -15.38
CA CYS D 80 13.10 -15.09 -14.30
C CYS D 80 13.02 -14.37 -12.94
N PHE D 81 12.62 -13.10 -12.96
CA PHE D 81 12.47 -12.31 -11.74
C PHE D 81 11.10 -12.45 -11.09
N HIS D 82 10.15 -13.07 -11.80
CA HIS D 82 8.83 -13.36 -11.26
C HIS D 82 8.86 -14.73 -10.57
N PRO D 83 8.57 -14.77 -9.26
CA PRO D 83 8.52 -16.04 -8.52
C PRO D 83 7.48 -17.03 -9.06
N GLU D 84 6.44 -16.52 -9.70
CA GLU D 84 5.37 -17.35 -10.27
C GLU D 84 5.86 -18.22 -11.45
N SER D 85 6.90 -17.74 -12.14
CA SER D 85 7.48 -18.45 -13.28
C SER D 85 7.93 -19.87 -12.93
N LYS D 86 8.33 -20.07 -11.68
CA LYS D 86 8.81 -21.36 -11.20
C LYS D 86 7.69 -22.25 -10.66
N LEU D 87 6.47 -21.72 -10.58
CA LEU D 87 5.35 -22.42 -9.94
C LEU D 87 4.33 -22.98 -10.92
N PHE D 88 4.20 -22.32 -12.07
CA PHE D 88 3.23 -22.72 -13.09
C PHE D 88 3.87 -22.64 -14.47
N PRO D 89 3.38 -23.46 -15.43
CA PRO D 89 3.87 -23.34 -16.81
C PRO D 89 3.46 -21.99 -17.40
N PRO D 90 4.15 -21.53 -18.47
CA PRO D 90 3.80 -20.26 -19.10
C PRO D 90 2.32 -20.20 -19.47
N HIS D 91 1.67 -19.09 -19.10
CA HIS D 91 0.25 -18.90 -19.35
C HIS D 91 -0.05 -17.41 -19.49
N ASN D 92 -1.10 -17.09 -20.25
CA ASN D 92 -1.50 -15.70 -20.52
C ASN D 92 -0.34 -14.81 -20.96
N LEU D 93 0.43 -15.30 -21.94
CA LEU D 93 1.58 -14.56 -22.45
C LEU D 93 1.14 -13.40 -23.34
N ILE D 94 1.91 -12.31 -23.28
CA ILE D 94 1.63 -11.10 -24.06
C ILE D 94 1.54 -11.41 -25.56
N GLY D 95 0.48 -10.92 -26.19
CA GLY D 95 0.29 -11.07 -27.63
C GLY D 95 -0.29 -12.39 -28.10
N THR D 96 -0.55 -13.30 -27.15
CA THR D 96 -1.09 -14.62 -27.48
C THR D 96 -2.61 -14.64 -27.36
N SER D 97 -3.22 -15.63 -28.01
CA SER D 97 -4.66 -15.84 -27.95
C SER D 97 -5.10 -16.38 -26.59
N GLY D 98 -4.13 -16.84 -25.79
CA GLY D 98 -4.40 -17.31 -24.43
C GLY D 98 -4.98 -16.25 -23.52
N ARG D 99 -4.73 -14.98 -23.85
CA ARG D 99 -5.23 -13.84 -23.08
C ARG D 99 -6.62 -13.38 -23.49
N ASN D 100 -7.15 -13.97 -24.57
CA ASN D 100 -8.51 -13.65 -25.03
C ASN D 100 -9.57 -14.15 -24.05
N LEU D 101 -10.56 -13.32 -23.79
CA LEU D 101 -11.65 -13.68 -22.89
C LEU D 101 -12.49 -14.81 -23.49
N TYR D 102 -12.84 -15.78 -22.66
CA TYR D 102 -13.55 -16.98 -23.11
C TYR D 102 -15.05 -16.77 -23.22
N GLY D 103 -15.64 -17.31 -24.27
CA GLY D 103 -17.10 -17.33 -24.46
C GLY D 103 -17.72 -15.97 -24.74
N ASP D 104 -18.98 -15.82 -24.32
CA ASP D 104 -19.76 -14.60 -24.53
C ASP D 104 -19.17 -13.39 -23.80
N LEU D 105 -18.37 -13.66 -22.77
CA LEU D 105 -17.65 -12.61 -22.04
C LEU D 105 -16.70 -11.86 -22.98
N GLY D 106 -16.06 -12.60 -23.88
CA GLY D 106 -15.22 -12.02 -24.93
C GLY D 106 -16.03 -11.18 -25.90
N ILE D 107 -17.22 -11.67 -26.24
CA ILE D 107 -18.16 -10.95 -27.11
C ILE D 107 -18.62 -9.64 -26.45
N PHE D 108 -18.95 -9.72 -25.16
CA PHE D 108 -19.30 -8.53 -24.37
C PHE D 108 -18.20 -7.47 -24.41
N TYR D 109 -16.95 -7.93 -24.31
CA TYR D 109 -15.82 -7.00 -24.34
C TYR D 109 -15.63 -6.34 -25.72
N GLN D 110 -15.93 -7.08 -26.79
CA GLN D 110 -15.82 -6.52 -28.13
CA GLN D 110 -15.86 -6.56 -28.16
C GLN D 110 -16.87 -5.44 -28.34
N GLU D 111 -18.05 -5.62 -27.75
CA GLU D 111 -19.16 -4.69 -27.85
C GLU D 111 -18.99 -3.45 -26.96
N HIS D 112 -18.46 -3.65 -25.75
CA HIS D 112 -18.47 -2.59 -24.73
C HIS D 112 -17.11 -2.26 -24.10
N GLY D 113 -16.04 -2.76 -24.69
CA GLY D 113 -14.68 -2.54 -24.16
C GLY D 113 -14.25 -1.09 -24.09
N SER D 114 -14.68 -0.29 -25.06
CA SER D 114 -14.30 1.13 -25.12
C SER D 114 -15.27 2.06 -24.37
N ASP D 115 -16.30 1.48 -23.76
CA ASP D 115 -17.22 2.24 -22.89
C ASP D 115 -16.47 2.74 -21.67
N SER D 116 -16.83 3.93 -21.19
CA SER D 116 -16.12 4.57 -20.07
C SER D 116 -16.22 3.80 -18.74
N ARG D 117 -17.23 2.95 -18.62
CA ARG D 117 -17.45 2.15 -17.40
C ARG D 117 -16.82 0.76 -17.45
N VAL D 118 -16.19 0.41 -18.58
CA VAL D 118 -15.52 -0.87 -18.73
C VAL D 118 -14.01 -0.68 -18.83
N PHE D 119 -13.26 -1.48 -18.08
CA PHE D 119 -11.81 -1.34 -17.98
C PHE D 119 -11.09 -2.64 -18.26
N TRP D 120 -9.90 -2.53 -18.85
CA TRP D 120 -8.98 -3.66 -18.98
C TRP D 120 -7.70 -3.34 -18.21
N MET D 121 -7.35 -4.21 -17.27
CA MET D 121 -6.15 -4.03 -16.46
C MET D 121 -5.25 -5.26 -16.53
N ASP D 122 -4.03 -5.05 -17.01
CA ASP D 122 -3.00 -6.10 -16.99
C ASP D 122 -2.47 -6.26 -15.57
N LYS D 123 -2.32 -7.50 -15.13
CA LYS D 123 -1.78 -7.79 -13.80
C LYS D 123 -0.72 -8.88 -13.86
N ARG D 124 0.18 -8.88 -12.89
CA ARG D 124 1.27 -9.86 -12.84
C ARG D 124 1.20 -10.79 -11.65
N HIS D 125 0.56 -10.35 -10.57
CA HIS D 125 0.29 -11.23 -9.44
C HIS D 125 -1.12 -11.82 -9.55
N TYR D 126 -1.47 -12.67 -8.59
CA TYR D 126 -2.79 -13.31 -8.59
C TYR D 126 -3.88 -12.28 -8.30
N SER D 127 -3.66 -11.47 -7.27
CA SER D 127 -4.62 -10.44 -6.86
C SER D 127 -4.77 -9.34 -7.91
N ALA D 128 -6.02 -8.96 -8.15
CA ALA D 128 -6.36 -7.89 -9.08
C ALA D 128 -5.88 -6.51 -8.62
N PHE D 129 -5.57 -6.39 -7.33
CA PHE D 129 -5.14 -5.13 -6.71
C PHE D 129 -3.63 -4.93 -6.73
N SER D 130 -2.87 -6.03 -6.77
CA SER D 130 -1.42 -5.99 -6.58
C SER D 130 -0.67 -5.40 -7.77
N GLY D 131 -0.11 -4.21 -7.57
CA GLY D 131 0.64 -3.51 -8.61
C GLY D 131 -0.20 -2.92 -9.72
N THR D 132 -1.50 -2.81 -9.48
CA THR D 132 -2.44 -2.21 -10.42
C THR D 132 -3.00 -0.92 -9.83
N ASP D 133 -3.85 -0.24 -10.59
CA ASP D 133 -4.55 0.94 -10.09
C ASP D 133 -6.04 0.68 -9.83
N LEU D 134 -6.38 -0.57 -9.54
CA LEU D 134 -7.77 -0.94 -9.26
C LEU D 134 -8.34 -0.15 -8.09
N ASP D 135 -7.65 -0.15 -6.95
CA ASP D 135 -8.10 0.58 -5.76
C ASP D 135 -8.31 2.07 -6.08
N ILE D 136 -7.38 2.66 -6.82
CA ILE D 136 -7.47 4.07 -7.23
C ILE D 136 -8.73 4.35 -8.05
N ARG D 137 -8.98 3.51 -9.07
CA ARG D 137 -10.15 3.70 -9.92
C ARG D 137 -11.46 3.52 -9.16
N LEU D 138 -11.48 2.55 -8.24
CA LEU D 138 -12.64 2.31 -7.41
C LEU D 138 -12.93 3.49 -6.48
N ARG D 139 -11.88 4.05 -5.89
CA ARG D 139 -12.05 5.18 -4.97
CA ARG D 139 -11.99 5.20 -4.98
C ARG D 139 -12.40 6.49 -5.70
N GLU D 140 -11.93 6.63 -6.95
CA GLU D 140 -12.32 7.78 -7.79
C GLU D 140 -13.83 7.82 -7.94
N ARG D 141 -14.42 6.64 -8.09
CA ARG D 141 -15.86 6.48 -8.34
C ARG D 141 -16.66 6.27 -7.07
N ARG D 142 -15.98 6.30 -5.92
CA ARG D 142 -16.60 6.15 -4.60
C ARG D 142 -17.33 4.81 -4.44
N VAL D 143 -16.77 3.77 -5.05
CA VAL D 143 -17.35 2.42 -4.98
C VAL D 143 -17.01 1.79 -3.63
N SER D 144 -18.02 1.23 -2.97
CA SER D 144 -17.84 0.58 -1.68
C SER D 144 -18.01 -0.94 -1.71
N THR D 145 -18.61 -1.44 -2.80
CA THR D 145 -18.87 -2.87 -2.96
C THR D 145 -18.28 -3.43 -4.25
N VAL D 146 -17.45 -4.47 -4.12
CA VAL D 146 -16.94 -5.19 -5.28
C VAL D 146 -17.64 -6.54 -5.42
N ILE D 147 -17.93 -6.92 -6.66
CA ILE D 147 -18.55 -8.18 -6.98
C ILE D 147 -17.55 -9.02 -7.77
N LEU D 148 -17.16 -10.17 -7.20
CA LEU D 148 -16.08 -10.96 -7.77
C LEU D 148 -16.56 -12.15 -8.59
N THR D 149 -15.96 -12.30 -9.78
CA THR D 149 -16.22 -13.41 -10.68
C THR D 149 -14.89 -13.88 -11.27
N GLY D 150 -14.85 -15.12 -11.74
CA GLY D 150 -13.69 -15.63 -12.47
C GLY D 150 -12.99 -16.83 -11.85
N VAL D 151 -11.73 -17.02 -12.26
CA VAL D 151 -10.94 -18.20 -11.89
C VAL D 151 -9.52 -17.80 -11.49
N LEU D 152 -8.85 -18.59 -10.64
CA LEU D 152 -9.43 -19.73 -9.93
C LEU D 152 -9.90 -19.27 -8.56
N THR D 153 -10.95 -19.91 -8.04
CA THR D 153 -11.56 -19.51 -6.76
C THR D 153 -10.55 -19.38 -5.62
N ASP D 154 -9.61 -20.32 -5.57
CA ASP D 154 -8.65 -20.42 -4.47
C ASP D 154 -7.32 -19.73 -4.73
N ILE D 155 -7.17 -19.10 -5.89
CA ILE D 155 -5.94 -18.39 -6.21
C ILE D 155 -6.21 -16.90 -6.51
N SER D 156 -6.43 -16.56 -7.78
CA SER D 156 -6.62 -15.16 -8.16
C SER D 156 -7.86 -14.53 -7.51
N VAL D 157 -8.94 -15.31 -7.39
CA VAL D 157 -10.17 -14.83 -6.76
C VAL D 157 -9.96 -14.66 -5.24
N LEU D 158 -9.33 -15.66 -4.62
CA LEU D 158 -9.07 -15.61 -3.18
C LEU D 158 -8.15 -14.43 -2.80
N HIS D 159 -7.08 -14.24 -3.58
CA HIS D 159 -6.14 -13.15 -3.32
C HIS D 159 -6.79 -11.79 -3.51
N THR D 160 -7.60 -11.67 -4.57
CA THR D 160 -8.35 -10.44 -4.85
C THR D 160 -9.33 -10.13 -3.71
N ALA D 161 -10.04 -11.16 -3.23
CA ALA D 161 -11.00 -11.01 -2.15
C ALA D 161 -10.36 -10.58 -0.84
N ILE D 162 -9.20 -11.17 -0.53
CA ILE D 162 -8.47 -10.84 0.69
C ILE D 162 -7.94 -9.40 0.65
N ASP D 163 -7.41 -9.00 -0.49
CA ASP D 163 -6.99 -7.61 -0.70
C ASP D 163 -8.17 -6.65 -0.55
N ALA D 164 -9.30 -7.00 -1.17
CA ALA D 164 -10.53 -6.19 -1.08
C ALA D 164 -10.98 -6.02 0.38
N TYR D 165 -10.92 -7.10 1.15
CA TYR D 165 -11.27 -7.08 2.57
C TYR D 165 -10.38 -6.12 3.36
N ASN D 166 -9.06 -6.24 3.16
CA ASN D 166 -8.11 -5.38 3.86
C ASN D 166 -8.22 -3.91 3.44
N LEU D 167 -8.69 -3.69 2.21
CA LEU D 167 -8.93 -2.34 1.70
C LEU D 167 -10.33 -1.82 2.03
N GLY D 168 -11.06 -2.57 2.86
CA GLY D 168 -12.34 -2.10 3.43
C GLY D 168 -13.54 -2.14 2.50
N TYR D 169 -13.45 -2.90 1.42
CA TYR D 169 -14.59 -3.07 0.51
C TYR D 169 -15.57 -4.09 1.03
N ASP D 170 -16.85 -3.84 0.82
CA ASP D 170 -17.88 -4.87 0.95
C ASP D 170 -17.72 -5.79 -0.24
N ILE D 171 -17.87 -7.09 0.00
CA ILE D 171 -17.59 -8.08 -1.03
C ILE D 171 -18.82 -8.92 -1.36
N GLU D 172 -19.06 -9.10 -2.66
CA GLU D 172 -20.05 -10.06 -3.15
C GLU D 172 -19.32 -11.08 -4.02
N ILE D 173 -19.61 -12.36 -3.80
CA ILE D 173 -19.03 -13.43 -4.60
C ILE D 173 -20.15 -14.07 -5.41
N VAL D 174 -20.02 -14.05 -6.73
CA VAL D 174 -20.97 -14.75 -7.60
C VAL D 174 -20.59 -16.23 -7.64
N LYS D 175 -21.18 -17.00 -6.74
CA LYS D 175 -20.86 -18.42 -6.58
C LYS D 175 -20.92 -19.24 -7.88
N PRO D 176 -21.99 -19.08 -8.69
CA PRO D 176 -22.00 -19.82 -9.96
C PRO D 176 -21.10 -19.23 -11.05
N ALA D 177 -20.39 -18.15 -10.74
CA ALA D 177 -19.47 -17.53 -11.70
C ALA D 177 -18.02 -17.50 -11.21
N VAL D 178 -17.70 -18.38 -10.26
CA VAL D 178 -16.31 -18.66 -9.89
C VAL D 178 -16.08 -20.17 -9.95
N ALA D 179 -14.84 -20.56 -10.26
CA ALA D 179 -14.50 -21.99 -10.40
C ALA D 179 -13.02 -22.26 -10.16
N SER D 180 -12.73 -23.50 -9.75
CA SER D 180 -11.35 -23.97 -9.57
C SER D 180 -11.19 -25.37 -10.16
N ILE D 181 -9.94 -25.78 -10.37
CA ILE D 181 -9.62 -27.13 -10.84
C ILE D 181 -9.98 -28.16 -9.77
N TRP D 182 -9.73 -27.79 -8.51
CA TRP D 182 -9.94 -28.65 -7.34
CA TRP D 182 -9.99 -28.68 -7.41
C TRP D 182 -11.25 -28.30 -6.62
N PRO D 183 -12.20 -29.24 -6.53
CA PRO D 183 -13.46 -28.99 -5.81
C PRO D 183 -13.29 -28.67 -4.32
N GLU D 184 -12.33 -29.32 -3.67
CA GLU D 184 -12.04 -29.08 -2.25
C GLU D 184 -11.49 -27.68 -1.99
N ASN D 185 -10.74 -27.16 -2.96
CA ASN D 185 -10.18 -25.81 -2.88
C ASN D 185 -11.23 -24.74 -3.15
N HIS D 186 -12.09 -25.02 -4.13
CA HIS D 186 -13.24 -24.17 -4.44
C HIS D 186 -14.13 -24.04 -3.21
N GLN D 187 -14.38 -25.17 -2.54
CA GLN D 187 -15.18 -25.20 -1.31
C GLN D 187 -14.53 -24.49 -0.14
N PHE D 188 -13.21 -24.65 0.03
CA PHE D 188 -12.51 -23.89 1.07
C PHE D 188 -12.69 -22.40 0.86
N ALA D 189 -12.45 -21.95 -0.37
CA ALA D 189 -12.46 -20.53 -0.70
C ALA D 189 -13.83 -19.89 -0.45
N LEU D 190 -14.89 -20.57 -0.87
CA LEU D 190 -16.26 -20.09 -0.63
C LEU D 190 -16.56 -19.94 0.87
N GLY D 191 -16.12 -20.92 1.66
CA GLY D 191 -16.27 -20.88 3.11
C GLY D 191 -15.48 -19.73 3.71
N HIS D 192 -14.27 -19.52 3.20
CA HIS D 192 -13.42 -18.42 3.64
C HIS D 192 -14.05 -17.06 3.34
N PHE D 193 -14.58 -16.91 2.12
CA PHE D 193 -15.24 -15.66 1.73
C PHE D 193 -16.37 -15.30 2.69
N LYS D 194 -17.23 -16.28 2.99
CA LYS D 194 -18.40 -16.05 3.83
C LYS D 194 -18.04 -15.86 5.32
N ASN D 195 -17.25 -16.79 5.86
CA ASN D 195 -17.01 -16.84 7.31
C ASN D 195 -15.87 -15.97 7.83
N THR D 196 -14.88 -15.71 6.98
CA THR D 196 -13.71 -14.93 7.39
C THR D 196 -13.73 -13.51 6.82
N LEU D 197 -14.20 -13.36 5.58
CA LEU D 197 -14.24 -12.05 4.94
C LEU D 197 -15.61 -11.38 5.03
N GLY D 198 -16.63 -12.13 5.46
CA GLY D 198 -17.99 -11.61 5.58
C GLY D 198 -18.63 -11.25 4.26
N ALA D 199 -18.20 -11.92 3.20
CA ALA D 199 -18.72 -11.69 1.86
C ALA D 199 -20.13 -12.27 1.70
N LYS D 200 -20.91 -11.62 0.86
CA LYS D 200 -22.24 -12.09 0.49
C LYS D 200 -22.09 -13.01 -0.73
N LEU D 201 -22.58 -14.23 -0.62
CA LEU D 201 -22.61 -15.14 -1.76
C LEU D 201 -23.89 -14.90 -2.56
N VAL D 202 -23.72 -14.55 -3.84
CA VAL D 202 -24.85 -14.26 -4.71
C VAL D 202 -24.89 -15.17 -5.95
N ASP D 203 -26.05 -15.28 -6.58
CA ASP D 203 -26.19 -16.05 -7.82
C ASP D 203 -25.94 -15.18 -9.05
N GLU D 204 -26.15 -15.77 -10.24
CA GLU D 204 -25.91 -15.09 -11.51
C GLU D 204 -26.91 -13.95 -11.78
N ASN D 205 -27.95 -13.88 -10.96
CA ASN D 205 -28.93 -12.80 -11.01
C ASN D 205 -28.63 -11.71 -9.97
N LEU D 206 -27.49 -11.87 -9.30
CA LEU D 206 -27.04 -10.97 -8.23
C LEU D 206 -27.98 -10.94 -7.01
N ASN D 207 -28.69 -12.06 -6.83
CA ASN D 207 -29.53 -12.28 -5.65
C ASN D 207 -28.78 -13.12 -4.64
N GLU D 208 -28.87 -12.74 -3.36
CA GLU D 208 -28.20 -13.47 -2.30
C GLU D 208 -28.66 -14.93 -2.25
N LEU D 209 -27.74 -15.82 -1.89
CA LEU D 209 -28.04 -17.24 -1.81
C LEU D 209 -28.18 -17.69 -0.36
N PHE D 210 -29.24 -18.45 -0.08
CA PHE D 210 -29.49 -18.93 1.28
C PHE D 210 -29.52 -20.46 1.31
N1 NCA E . -9.14 -13.25 14.41
C2 NCA E . -7.96 -13.89 14.28
C3 NCA E . -7.93 -15.22 13.82
C4 NCA E . -9.12 -15.87 13.50
C5 NCA E . -10.32 -15.18 13.64
C6 NCA E . -10.29 -13.86 14.10
C7 NCA E . -6.61 -15.94 13.68
O7 NCA E . -6.43 -16.67 12.73
N7 NCA E . -5.68 -15.74 14.60
ZN ZN F . -9.24 -11.19 15.36
N1 NCA G . 9.81 14.75 12.33
C2 NCA G . 8.63 15.38 12.18
C3 NCA G . 8.55 16.64 11.58
C4 NCA G . 9.72 17.24 11.13
C5 NCA G . 10.93 16.58 11.29
C6 NCA G . 10.94 15.32 11.90
C7 NCA G . 7.23 17.33 11.43
O7 NCA G . 6.98 17.92 10.40
N7 NCA G . 6.36 17.26 12.44
ZN ZN H . 10.04 12.81 13.51
N1 NCA I . 1.29 16.13 -14.22
C2 NCA I . 2.60 15.87 -14.09
C3 NCA I . 3.49 16.85 -13.65
C4 NCA I . 3.00 18.12 -13.33
C5 NCA I . 1.63 18.37 -13.46
C6 NCA I . 0.80 17.34 -13.91
C7 NCA I . 4.96 16.57 -13.53
O7 NCA I . 5.57 16.99 -12.55
N7 NCA I . 5.56 15.86 -14.47
ZN ZN J . -0.11 14.66 -15.19
N1 NCA K . -1.93 -17.57 -12.29
C2 NCA K . -3.23 -17.29 -12.13
C3 NCA K . -4.09 -18.22 -11.53
C4 NCA K . -3.58 -19.43 -11.09
C5 NCA K . -2.22 -19.70 -11.26
C6 NCA K . -1.41 -18.74 -11.87
C7 NCA K . -5.55 -17.90 -11.37
O7 NCA K . -6.11 -18.23 -10.34
N7 NCA K . -6.19 -17.27 -12.35
ZN ZN L . -0.58 -16.16 -13.53
#